data_4KIB
#
_entry.id   4KIB
#
_cell.length_a   64.332
_cell.length_b   78.062
_cell.length_c   138.257
_cell.angle_alpha   90.00
_cell.angle_beta   90.00
_cell.angle_gamma   90.00
#
_symmetry.space_group_name_H-M   'P 21 21 21'
#
loop_
_entity.id
_entity.type
_entity.pdbx_description
1 polymer 'Methyltransferase MppJ'
2 non-polymer S-ADENOSYL-L-HOMOCYSTEINE
3 non-polymer '(3R)-2-oxo-3-phenylbutanoic acid'
4 non-polymer 'FE (III) ION'
5 non-polymer '(2R)-2-hydroxy-3-phenylpropanoic acid'
6 non-polymer 'CALCIUM ION'
7 water water
#
_entity_poly.entity_id   1
_entity_poly.type   'polypeptide(L)'
_entity_poly.pdbx_seq_one_letter_code
;(MSE)GSSHHHHHHSSGLVPRGSH(MSE)STEVSEAQARRAVADIFNSTLASSAIGAAWELGALDELRENGKLDVSDFAV
RHDLHEPAVVG(MSE)FTALASVGIVRREGATVVVGPYFDEANHHRSLFHWLNQGSGELFRR(MSE)PQVLPNENRTGKF
YQRDAGAISYACREISERYFDPAFWAAVDGLGYTPTTVADLGSGSGERLIQIARRFPGVRGLGVDIADGAIA(MSE)AEK
EVAAKGFGDQISFVRGDARTIDQVSARGEFAEVDLLTCF(MSE)(MSE)GHDFWPRENCVQTLRKLRAAFPNVRRFLLGD
ATRTVGIPDRELPVFTLGFEFGHD(MSE)(MSE)GVYLPTLDEWDGVFEEGGWRCVKKHAIDSLSVSVVFELE
;
_entity_poly.pdbx_strand_id   A,B
#
loop_
_chem_comp.id
_chem_comp.type
_chem_comp.name
_chem_comp.formula
56D non-polymer '(3R)-2-oxo-3-phenylbutanoic acid' 'C10 H10 O3'
CA non-polymer 'CALCIUM ION' 'Ca 2'
FE non-polymer 'FE (III) ION' 'Fe 3'
HF2 peptide-like '(2R)-2-hydroxy-3-phenylpropanoic acid' 'C9 H10 O3'
SAH non-polymer S-ADENOSYL-L-HOMOCYSTEINE 'C14 H20 N6 O5 S'
#
# COMPACT_ATOMS: atom_id res chain seq x y z
N VAL A 25 1.69 6.48 -26.90
CA VAL A 25 0.66 6.36 -27.98
C VAL A 25 0.44 4.92 -28.46
N SER A 26 1.49 4.15 -28.72
CA SER A 26 1.31 2.77 -29.22
C SER A 26 0.75 1.85 -28.14
N GLU A 27 0.31 0.67 -28.57
CA GLU A 27 -0.17 -0.35 -27.66
C GLU A 27 0.97 -0.92 -26.86
N ALA A 28 2.15 -1.00 -27.48
CA ALA A 28 3.34 -1.44 -26.78
C ALA A 28 3.80 -0.46 -25.71
N GLN A 29 3.57 0.82 -25.97
CA GLN A 29 4.02 1.87 -25.04
C GLN A 29 3.15 1.87 -23.81
N ALA A 30 1.84 1.77 -24.02
CA ALA A 30 0.85 1.68 -22.96
C ALA A 30 1.07 0.46 -22.06
N ARG A 31 1.41 -0.66 -22.66
CA ARG A 31 1.70 -1.90 -21.95
C ARG A 31 2.89 -1.72 -20.98
N ARG A 32 3.98 -1.17 -21.48
CA ARG A 32 5.15 -0.86 -20.66
C ARG A 32 4.84 0.10 -19.51
N ALA A 33 4.14 1.17 -19.83
CA ALA A 33 3.86 2.21 -18.85
C ALA A 33 2.98 1.67 -17.71
N VAL A 34 1.99 0.86 -18.06
CA VAL A 34 1.12 0.28 -17.03
C VAL A 34 1.89 -0.76 -16.19
N ALA A 35 2.73 -1.57 -16.83
CA ALA A 35 3.58 -2.49 -16.13
C ALA A 35 4.45 -1.69 -15.16
N ASP A 36 5.01 -0.59 -15.64
CA ASP A 36 5.87 0.31 -14.80
C ASP A 36 5.13 0.85 -13.56
N ILE A 37 3.88 1.23 -13.74
CA ILE A 37 3.04 1.74 -12.66
C ILE A 37 2.81 0.64 -11.64
N PHE A 38 2.55 -0.55 -12.14
CA PHE A 38 2.35 -1.70 -11.30
C PHE A 38 3.64 -1.94 -10.57
N ASN A 39 4.77 -2.06 -11.27
CA ASN A 39 6.03 -2.35 -10.57
C ASN A 39 6.50 -1.24 -9.57
N SER A 40 6.24 0.00 -9.92
CA SER A 40 6.52 1.15 -9.08
C SER A 40 5.90 1.05 -7.70
N THR A 41 4.73 0.43 -7.63
CA THR A 41 4.03 0.25 -6.39
C THR A 41 4.84 -0.60 -5.43
N LEU A 42 5.40 -1.68 -5.95
CA LEU A 42 6.21 -2.60 -5.17
C LEU A 42 7.56 -1.96 -4.84
N ALA A 43 8.16 -1.27 -5.81
CA ALA A 43 9.41 -0.58 -5.55
C ALA A 43 9.25 0.49 -4.47
N SER A 44 8.09 1.16 -4.48
CA SER A 44 7.84 2.28 -3.60
C SER A 44 7.81 1.77 -2.19
N SER A 45 7.10 0.67 -2.00
CA SER A 45 7.00 0.10 -0.70
C SER A 45 8.36 -0.45 -0.22
N ALA A 46 9.16 -0.91 -1.19
CA ALA A 46 10.44 -1.53 -0.90
C ALA A 46 11.47 -0.48 -0.51
N ILE A 47 11.28 0.77 -0.97
CA ILE A 47 12.19 1.86 -0.62
C ILE A 47 12.25 2.07 0.88
N GLY A 48 11.10 2.27 1.52
CA GLY A 48 11.08 2.45 2.98
C GLY A 48 11.48 1.22 3.75
N ALA A 49 11.15 0.06 3.20
CA ALA A 49 11.50 -1.18 3.88
C ALA A 49 13.00 -1.41 3.74
N ALA A 50 13.56 -1.17 2.55
CA ALA A 50 14.99 -1.30 2.33
C ALA A 50 15.78 -0.35 3.28
N TRP A 51 15.34 0.91 3.36
CA TRP A 51 15.87 1.84 4.35
C TRP A 51 15.79 1.24 5.74
N GLU A 52 14.58 0.90 6.17
CA GLU A 52 14.39 0.42 7.53
C GLU A 52 15.21 -0.83 7.84
N LEU A 53 15.32 -1.75 6.88
CA LEU A 53 16.06 -3.00 7.06
C LEU A 53 17.58 -2.86 6.88
N GLY A 54 18.03 -1.69 6.43
CA GLY A 54 19.46 -1.36 6.41
C GLY A 54 20.13 -1.48 5.07
N ALA A 55 19.38 -1.86 4.02
CA ALA A 55 20.00 -2.16 2.74
C ALA A 55 20.41 -0.91 1.97
N LEU A 56 19.64 0.17 2.12
CA LEU A 56 19.99 1.39 1.39
C LEU A 56 21.31 1.97 1.89
N ASP A 57 21.50 1.96 3.20
CA ASP A 57 22.76 2.42 3.81
C ASP A 57 23.97 1.62 3.30
N GLU A 58 23.82 0.30 3.26
CA GLU A 58 24.90 -0.57 2.78
C GLU A 58 25.23 -0.32 1.32
N LEU A 59 24.20 -0.15 0.51
CA LEU A 59 24.38 0.15 -0.90
C LEU A 59 25.07 1.49 -1.05
N ARG A 60 24.63 2.46 -0.26
CA ARG A 60 25.23 3.78 -0.29
C ARG A 60 26.70 3.67 0.08
N GLU A 61 27.03 2.93 1.13
CA GLU A 61 28.42 2.79 1.60
C GLU A 61 29.34 2.00 0.66
N ASN A 62 28.84 0.88 0.10
CA ASN A 62 29.68 -0.05 -0.68
C ASN A 62 29.37 -0.11 -2.16
N GLY A 63 28.27 0.52 -2.57
CA GLY A 63 27.86 0.52 -3.97
C GLY A 63 27.28 -0.79 -4.48
N LYS A 64 27.54 -1.88 -3.77
CA LYS A 64 27.01 -3.19 -4.14
C LYS A 64 26.91 -4.05 -2.88
N LEU A 65 26.05 -5.05 -2.92
CA LEU A 65 26.05 -6.10 -1.89
C LEU A 65 25.70 -7.48 -2.46
N ASP A 66 25.95 -8.50 -1.65
CA ASP A 66 25.59 -9.87 -2.01
C ASP A 66 24.29 -10.22 -1.27
N VAL A 67 23.25 -10.52 -2.05
CA VAL A 67 21.91 -10.74 -1.48
C VAL A 67 21.90 -11.79 -0.37
N SER A 68 22.50 -12.96 -0.61
CA SER A 68 22.48 -14.04 0.41
C SER A 68 23.17 -13.64 1.69
N ASP A 69 24.36 -13.06 1.51
CA ASP A 69 25.12 -12.54 2.62
C ASP A 69 24.24 -11.59 3.41
N PHE A 70 23.59 -10.65 2.70
CA PHE A 70 22.72 -9.66 3.36
C PHE A 70 21.61 -10.35 4.15
N ALA A 71 20.93 -11.28 3.51
CA ALA A 71 19.82 -12.01 4.13
C ALA A 71 20.26 -12.77 5.38
N VAL A 72 21.47 -13.33 5.29
CA VAL A 72 22.03 -14.10 6.41
C VAL A 72 22.45 -13.14 7.52
N ARG A 73 23.22 -12.11 7.18
CA ARG A 73 23.67 -11.13 8.20
C ARG A 73 22.48 -10.56 8.97
N HIS A 74 21.39 -10.29 8.27
CA HIS A 74 20.26 -9.61 8.91
C HIS A 74 19.14 -10.57 9.33
N ASP A 75 19.35 -11.87 9.10
CA ASP A 75 18.40 -12.90 9.51
C ASP A 75 17.03 -12.70 8.85
N LEU A 76 17.06 -12.51 7.54
CA LEU A 76 15.88 -12.22 6.74
C LEU A 76 15.52 -13.41 5.83
N HIS A 77 14.24 -13.52 5.49
CA HIS A 77 13.76 -14.54 4.56
C HIS A 77 14.27 -14.25 3.16
N GLU A 78 15.27 -15.01 2.73
CA GLU A 78 16.02 -14.69 1.54
C GLU A 78 15.17 -14.58 0.28
N PRO A 79 14.19 -15.48 0.08
CA PRO A 79 13.40 -15.37 -1.15
C PRO A 79 12.69 -14.03 -1.23
N ALA A 80 12.27 -13.50 -0.09
CA ALA A 80 11.60 -12.21 -0.03
C ALA A 80 12.58 -11.07 -0.24
N VAL A 81 13.82 -11.25 0.25
CA VAL A 81 14.90 -10.27 0.05
C VAL A 81 15.21 -10.13 -1.42
N VAL A 82 15.29 -11.25 -2.13
CA VAL A 82 15.45 -11.22 -3.59
C VAL A 82 14.33 -10.41 -4.29
N GLY A 83 13.08 -10.64 -3.90
CA GLY A 83 11.97 -9.89 -4.48
C GLY A 83 12.05 -8.40 -4.16
N MSE A 84 12.40 -8.08 -2.92
CA MSE A 84 12.60 -6.68 -2.54
C MSE A 84 13.57 -6.01 -3.48
O MSE A 84 13.26 -4.94 -4.02
CB MSE A 84 13.10 -6.56 -1.09
CG MSE A 84 13.31 -5.10 -0.71
SE MSE A 84 13.83 -4.98 1.18
CE MSE A 84 15.66 -5.65 0.94
N PHE A 85 14.75 -6.61 -3.67
CA PHE A 85 15.75 -6.00 -4.56
C PHE A 85 15.31 -6.02 -6.01
N THR A 86 14.62 -7.09 -6.40
CA THR A 86 14.02 -7.17 -7.73
C THR A 86 13.02 -6.02 -7.94
N ALA A 87 12.19 -5.75 -6.95
CA ALA A 87 11.26 -4.62 -7.01
C ALA A 87 12.00 -3.30 -7.28
N LEU A 88 13.05 -3.06 -6.53
CA LEU A 88 13.87 -1.88 -6.71
C LEU A 88 14.53 -1.85 -8.11
N ALA A 89 15.03 -3.01 -8.55
CA ALA A 89 15.65 -3.18 -9.86
C ALA A 89 14.68 -2.88 -10.99
N SER A 90 13.40 -3.19 -10.77
CA SER A 90 12.42 -3.06 -11.83
C SER A 90 12.21 -1.67 -12.32
N VAL A 91 12.58 -0.66 -11.52
CA VAL A 91 12.39 0.73 -11.91
C VAL A 91 13.69 1.53 -11.91
N GLY A 92 14.82 0.84 -11.80
CA GLY A 92 16.14 1.45 -11.94
C GLY A 92 16.80 2.04 -10.70
N ILE A 93 16.29 1.71 -9.51
CA ILE A 93 16.89 2.16 -8.25
C ILE A 93 18.20 1.38 -8.07
N VAL A 94 18.20 0.17 -8.59
CA VAL A 94 19.20 -0.81 -8.30
C VAL A 94 19.32 -1.66 -9.57
N ARG A 95 20.45 -2.38 -9.71
CA ARG A 95 20.70 -3.25 -10.87
C ARG A 95 21.29 -4.55 -10.37
N ARG A 96 20.67 -5.67 -10.70
CA ARG A 96 21.13 -6.97 -10.23
C ARG A 96 22.10 -7.59 -11.23
N GLU A 97 23.15 -8.23 -10.73
CA GLU A 97 24.17 -8.87 -11.58
C GLU A 97 24.52 -10.15 -10.88
N GLY A 98 24.00 -11.26 -11.39
CA GLY A 98 24.16 -12.56 -10.73
C GLY A 98 23.62 -12.56 -9.32
N ALA A 99 24.52 -12.72 -8.35
CA ALA A 99 24.16 -12.75 -6.94
C ALA A 99 24.33 -11.37 -6.29
N THR A 100 24.61 -10.36 -7.11
CA THR A 100 24.99 -9.04 -6.61
C THR A 100 23.90 -8.02 -6.90
N VAL A 101 23.67 -7.15 -5.92
CA VAL A 101 22.83 -5.98 -6.11
C VAL A 101 23.74 -4.76 -6.12
N VAL A 102 23.67 -3.99 -7.21
CA VAL A 102 24.47 -2.79 -7.42
C VAL A 102 23.57 -1.55 -7.50
N VAL A 103 24.09 -0.44 -6.99
CA VAL A 103 23.44 0.87 -7.09
C VAL A 103 23.05 1.16 -8.55
N GLY A 104 21.84 1.71 -8.73
CA GLY A 104 21.32 2.01 -10.04
C GLY A 104 21.27 3.48 -10.32
N PRO A 105 20.82 3.87 -11.52
CA PRO A 105 20.67 5.25 -12.02
C PRO A 105 19.86 6.21 -11.13
N TYR A 106 18.87 5.69 -10.42
CA TYR A 106 17.95 6.51 -9.65
C TYR A 106 18.17 6.29 -8.15
N PHE A 107 19.23 5.60 -7.76
CA PHE A 107 19.48 5.30 -6.37
C PHE A 107 19.66 6.54 -5.47
N ASP A 108 20.48 7.52 -5.89
CA ASP A 108 20.76 8.63 -4.98
C ASP A 108 19.49 9.40 -4.67
N GLU A 109 18.69 9.64 -5.70
CA GLU A 109 17.45 10.39 -5.57
C GLU A 109 16.43 9.66 -4.67
N ALA A 110 16.27 8.37 -4.90
CA ALA A 110 15.37 7.51 -4.12
C ALA A 110 15.84 7.41 -2.67
N ASN A 111 17.16 7.36 -2.50
CA ASN A 111 17.72 7.20 -1.18
C ASN A 111 17.62 8.52 -0.42
N HIS A 112 17.83 9.62 -1.14
CA HIS A 112 17.61 10.95 -0.59
C HIS A 112 16.19 11.11 -0.03
N HIS A 113 15.20 10.63 -0.78
CA HIS A 113 13.79 10.81 -0.42
C HIS A 113 13.14 9.58 0.23
N ARG A 114 13.95 8.70 0.80
CA ARG A 114 13.46 7.40 1.24
C ARG A 114 12.44 7.48 2.37
N SER A 115 12.60 8.48 3.25
CA SER A 115 11.72 8.64 4.37
C SER A 115 10.31 9.09 3.94
N LEU A 116 10.20 9.70 2.75
CA LEU A 116 8.90 10.11 2.21
C LEU A 116 8.16 8.87 1.68
N PHE A 117 8.90 7.96 1.05
CA PHE A 117 8.35 6.66 0.66
C PHE A 117 7.88 5.84 1.86
N HIS A 118 8.69 5.82 2.91
CA HIS A 118 8.31 5.13 4.14
C HIS A 118 7.02 5.75 4.70
N TRP A 119 6.93 7.07 4.68
CA TRP A 119 5.75 7.77 5.19
C TRP A 119 4.51 7.34 4.40
N LEU A 120 4.68 7.27 3.08
CA LEU A 120 3.60 6.98 2.13
C LEU A 120 3.05 5.57 2.31
N ASN A 121 3.96 4.63 2.49
CA ASN A 121 3.64 3.22 2.45
C ASN A 121 3.50 2.66 3.88
N GLN A 122 4.63 2.48 4.55
CA GLN A 122 4.66 1.89 5.89
C GLN A 122 3.84 2.73 6.88
N GLY A 123 3.93 4.05 6.77
CA GLY A 123 3.17 4.93 7.61
C GLY A 123 1.68 5.04 7.26
N SER A 124 1.41 5.35 5.99
CA SER A 124 0.09 5.78 5.54
C SER A 124 -0.63 4.81 4.63
N GLY A 125 -0.04 3.65 4.35
CA GLY A 125 -0.60 2.69 3.37
C GLY A 125 -2.06 2.31 3.57
N GLU A 126 -2.47 2.13 4.82
CA GLU A 126 -3.83 1.71 5.13
C GLU A 126 -4.86 2.74 4.78
N LEU A 127 -4.47 4.01 4.85
CA LEU A 127 -5.35 5.06 4.40
C LEU A 127 -5.61 4.89 2.91
N PHE A 128 -4.54 4.86 2.11
CA PHE A 128 -4.70 4.85 0.67
C PHE A 128 -5.29 3.54 0.15
N ARG A 129 -4.89 2.43 0.73
CA ARG A 129 -5.47 1.14 0.39
C ARG A 129 -7.01 1.17 0.52
N ARG A 130 -7.53 1.84 1.54
CA ARG A 130 -8.97 1.77 1.83
C ARG A 130 -9.77 2.89 1.16
N MSE A 131 -9.20 3.44 0.10
CA MSE A 131 -9.86 4.47 -0.69
C MSE A 131 -11.33 4.22 -0.96
O MSE A 131 -12.12 5.16 -0.83
CB MSE A 131 -9.12 4.63 -2.02
CG MSE A 131 -8.98 6.06 -2.47
SE MSE A 131 -8.02 6.10 -4.20
CE MSE A 131 -6.23 5.69 -3.50
N PRO A 132 -11.74 2.99 -1.34
CA PRO A 132 -13.16 2.83 -1.69
C PRO A 132 -14.11 2.89 -0.49
N GLN A 133 -13.57 2.65 0.70
CA GLN A 133 -14.35 2.73 1.94
C GLN A 133 -14.23 4.13 2.56
N VAL A 134 -13.16 4.87 2.26
CA VAL A 134 -12.91 6.17 2.87
C VAL A 134 -13.62 7.29 2.09
N LEU A 135 -13.74 7.15 0.76
CA LEU A 135 -14.40 8.19 -0.03
C LEU A 135 -15.91 8.36 0.25
N PRO A 136 -16.70 7.26 0.38
CA PRO A 136 -18.17 7.42 0.57
C PRO A 136 -18.54 8.24 1.82
N ASN A 137 -19.39 9.25 1.64
CA ASN A 137 -19.73 10.14 2.73
C ASN A 137 -20.36 9.44 3.94
N GLU A 138 -21.16 8.41 3.70
CA GLU A 138 -21.82 7.66 4.79
C GLU A 138 -20.84 6.96 5.73
N ASN A 139 -19.61 6.74 5.28
CA ASN A 139 -18.58 6.09 6.09
C ASN A 139 -17.75 7.06 6.91
N ARG A 140 -17.98 8.35 6.72
CA ARG A 140 -17.02 9.33 7.19
C ARG A 140 -17.36 9.86 8.59
N THR A 141 -17.58 8.94 9.52
CA THR A 141 -17.86 9.31 10.91
C THR A 141 -16.99 8.51 11.84
N GLY A 142 -16.72 9.09 13.01
CA GLY A 142 -15.79 8.49 13.97
C GLY A 142 -14.48 8.19 13.28
N LYS A 143 -13.92 7.04 13.61
CA LYS A 143 -12.64 6.60 13.09
C LYS A 143 -12.92 5.88 11.79
N PHE A 144 -12.72 6.57 10.68
CA PHE A 144 -13.03 5.99 9.38
C PHE A 144 -11.80 5.65 8.54
N TYR A 145 -10.62 5.85 9.11
CA TYR A 145 -9.37 5.43 8.49
C TYR A 145 -8.34 5.14 9.58
N GLN A 146 -7.26 4.50 9.18
CA GLN A 146 -6.29 4.03 10.12
C GLN A 146 -4.94 4.25 9.48
N ARG A 147 -3.99 4.71 10.31
CA ARG A 147 -2.58 4.79 9.95
C ARG A 147 -1.69 4.31 11.09
N ASP A 148 -0.42 4.08 10.79
CA ASP A 148 0.49 3.56 11.79
C ASP A 148 1.31 4.71 12.43
N ALA A 149 0.89 5.14 13.63
CA ALA A 149 1.49 6.30 14.32
C ALA A 149 2.98 6.17 14.61
N GLY A 150 3.39 4.96 14.98
CA GLY A 150 4.79 4.67 15.26
C GLY A 150 5.63 4.72 14.00
N ALA A 151 5.13 4.14 12.91
CA ALA A 151 5.85 4.19 11.63
C ALA A 151 5.97 5.63 11.14
N ILE A 152 4.92 6.43 11.30
CA ILE A 152 4.98 7.86 10.93
C ILE A 152 6.04 8.57 11.77
N SER A 153 6.08 8.31 13.07
CA SER A 153 7.05 8.94 13.95
C SER A 153 8.48 8.63 13.53
N TYR A 154 8.73 7.33 13.25
CA TYR A 154 9.98 6.84 12.67
C TYR A 154 10.38 7.55 11.37
N ALA A 155 9.50 7.60 10.38
CA ALA A 155 9.83 8.29 9.12
C ALA A 155 10.14 9.76 9.38
N CYS A 156 9.32 10.40 10.22
CA CYS A 156 9.39 11.83 10.44
C CYS A 156 10.71 12.25 11.11
N ARG A 157 11.31 11.34 11.85
CA ARG A 157 12.62 11.56 12.42
C ARG A 157 13.63 11.87 11.32
N GLU A 158 13.58 11.13 10.22
CA GLU A 158 14.47 11.44 9.13
C GLU A 158 13.92 12.61 8.26
N ILE A 159 12.61 12.70 8.10
CA ILE A 159 12.08 13.82 7.32
C ILE A 159 12.57 15.14 7.94
N SER A 160 12.57 15.17 9.27
CA SER A 160 13.05 16.30 10.06
C SER A 160 14.52 16.61 9.80
N GLU A 161 15.39 15.62 9.99
CA GLU A 161 16.82 15.81 9.75
C GLU A 161 17.11 16.19 8.31
N ARG A 162 16.46 15.51 7.38
CA ARG A 162 16.74 15.64 5.97
C ARG A 162 16.25 16.95 5.38
N TYR A 163 15.07 17.40 5.79
CA TYR A 163 14.47 18.57 5.15
C TYR A 163 14.40 19.82 6.04
N PHE A 164 14.06 19.66 7.31
CA PHE A 164 13.77 20.81 8.18
C PHE A 164 14.97 21.25 9.02
N ASP A 165 15.95 20.38 9.24
CA ASP A 165 17.02 20.70 10.17
C ASP A 165 17.81 21.98 9.91
N PRO A 166 18.29 22.19 8.68
CA PRO A 166 19.07 23.41 8.47
C PRO A 166 18.33 24.67 8.94
N ALA A 167 17.05 24.75 8.62
CA ALA A 167 16.22 25.86 9.07
C ALA A 167 15.99 25.82 10.58
N PHE A 168 15.74 24.63 11.12
CA PHE A 168 15.47 24.48 12.54
C PHE A 168 16.65 24.94 13.40
N TRP A 169 17.85 24.50 13.02
CA TRP A 169 19.05 24.84 13.79
C TRP A 169 19.52 26.27 13.54
N ALA A 170 19.19 26.83 12.37
CA ALA A 170 19.40 28.25 12.15
C ALA A 170 18.50 29.05 13.13
N ALA A 171 17.21 28.68 13.23
CA ALA A 171 16.29 29.33 14.18
C ALA A 171 16.74 29.18 15.62
N VAL A 172 17.24 27.99 15.97
CA VAL A 172 17.77 27.73 17.30
C VAL A 172 19.02 28.57 17.58
N ASP A 173 19.89 28.72 16.59
CA ASP A 173 21.08 29.57 16.76
C ASP A 173 20.71 31.06 16.89
N GLY A 174 19.63 31.48 16.25
CA GLY A 174 19.16 32.87 16.36
C GLY A 174 18.23 33.19 17.51
N LEU A 175 17.99 32.26 18.43
CA LEU A 175 17.07 32.51 19.54
C LEU A 175 17.36 33.81 20.30
N GLY A 176 18.64 34.09 20.57
CA GLY A 176 19.05 35.20 21.43
C GLY A 176 18.93 34.94 22.93
N TYR A 177 18.73 33.67 23.31
CA TYR A 177 18.62 33.27 24.71
C TYR A 177 18.81 31.78 24.84
N THR A 178 19.10 31.32 26.05
CA THR A 178 19.29 29.90 26.27
C THR A 178 18.01 29.41 26.87
N PRO A 179 17.25 28.54 26.17
CA PRO A 179 16.01 28.00 26.73
C PRO A 179 16.28 27.19 27.99
N THR A 180 15.29 27.09 28.85
CA THR A 180 15.40 26.33 30.07
C THR A 180 14.36 25.22 30.08
N THR A 181 13.17 25.51 29.57
CA THR A 181 12.17 24.49 29.39
C THR A 181 11.58 24.65 27.99
N VAL A 182 11.54 23.54 27.25
CA VAL A 182 11.02 23.51 25.89
C VAL A 182 9.83 22.57 25.82
N ALA A 183 8.79 23.01 25.12
CA ALA A 183 7.61 22.19 24.85
C ALA A 183 7.49 21.96 23.36
N ASP A 184 7.20 20.72 22.97
CA ASP A 184 7.11 20.34 21.58
C ASP A 184 5.72 19.81 21.26
N LEU A 185 5.03 20.46 20.33
CA LEU A 185 3.67 20.08 19.98
C LEU A 185 3.59 19.06 18.82
N GLY A 186 3.04 17.89 19.10
CA GLY A 186 3.01 16.80 18.11
C GLY A 186 4.39 16.17 18.07
N SER A 187 4.89 15.83 19.26
CA SER A 187 6.28 15.43 19.46
C SER A 187 6.74 14.14 18.77
N GLY A 188 5.83 13.24 18.42
CA GLY A 188 6.22 12.06 17.60
C GLY A 188 7.29 11.18 18.23
N SER A 189 8.43 11.02 17.56
CA SER A 189 9.54 10.21 18.07
C SER A 189 10.24 10.78 19.29
N GLY A 190 9.96 12.05 19.61
CA GLY A 190 10.67 12.72 20.69
C GLY A 190 12.09 13.15 20.32
N GLU A 191 12.52 12.96 19.07
CA GLU A 191 13.91 13.27 18.72
C GLU A 191 14.23 14.77 18.85
N ARG A 192 13.27 15.65 18.56
CA ARG A 192 13.51 17.11 18.60
C ARG A 192 13.88 17.55 20.02
N LEU A 193 13.15 17.04 21.00
CA LEU A 193 13.43 17.33 22.41
C LEU A 193 14.81 16.79 22.81
N ILE A 194 15.10 15.56 22.40
CA ILE A 194 16.41 14.96 22.66
C ILE A 194 17.49 15.86 22.09
N GLN A 195 17.28 16.32 20.86
CA GLN A 195 18.30 17.11 20.20
C GLN A 195 18.51 18.46 20.90
N ILE A 196 17.41 19.06 21.33
CA ILE A 196 17.51 20.32 22.08
C ILE A 196 18.20 20.08 23.42
N ALA A 197 17.90 18.97 24.09
CA ALA A 197 18.63 18.61 25.32
C ALA A 197 20.12 18.35 25.09
N ARG A 198 20.47 17.73 23.97
CA ARG A 198 21.88 17.57 23.62
C ARG A 198 22.52 18.95 23.44
N ARG A 199 21.79 19.90 22.86
CA ARG A 199 22.33 21.25 22.66
C ARG A 199 22.36 22.11 23.93
N PHE A 200 21.39 21.90 24.82
CA PHE A 200 21.26 22.72 26.01
C PHE A 200 21.10 21.79 27.20
N PRO A 201 22.24 21.30 27.75
CA PRO A 201 22.18 20.19 28.72
C PRO A 201 21.35 20.45 30.00
N GLY A 202 21.27 21.69 30.46
CA GLY A 202 20.36 22.03 31.55
C GLY A 202 18.86 21.93 31.27
N VAL A 203 18.45 21.76 30.01
CA VAL A 203 17.05 22.03 29.63
C VAL A 203 16.07 20.92 30.08
N ARG A 204 14.82 21.30 30.31
CA ARG A 204 13.75 20.33 30.59
C ARG A 204 12.81 20.28 29.37
N GLY A 205 12.31 19.08 29.03
CA GLY A 205 11.50 18.90 27.83
C GLY A 205 10.16 18.25 28.05
N LEU A 206 9.18 18.73 27.31
CA LEU A 206 7.81 18.29 27.44
C LEU A 206 7.27 18.15 26.03
N GLY A 207 6.85 16.94 25.67
CA GLY A 207 6.23 16.67 24.41
C GLY A 207 4.77 16.34 24.58
N VAL A 208 3.96 16.89 23.67
CA VAL A 208 2.54 16.65 23.59
C VAL A 208 2.23 15.92 22.29
N ASP A 209 1.51 14.81 22.37
CA ASP A 209 1.10 14.12 21.16
C ASP A 209 -0.24 13.44 21.37
N ILE A 210 -1.07 13.46 20.33
CA ILE A 210 -2.40 12.88 20.41
C ILE A 210 -2.40 11.35 20.20
N ALA A 211 -1.26 10.79 19.79
CA ALA A 211 -1.19 9.38 19.35
C ALA A 211 -0.46 8.49 20.34
N ASP A 212 -1.10 7.39 20.76
CA ASP A 212 -0.45 6.44 21.66
C ASP A 212 0.88 5.88 21.13
N GLY A 213 0.91 5.55 19.84
CA GLY A 213 2.06 4.91 19.27
C GLY A 213 3.28 5.81 19.25
N ALA A 214 3.01 7.11 19.12
CA ALA A 214 4.04 8.15 19.15
C ALA A 214 4.63 8.31 20.55
N ILE A 215 3.73 8.46 21.52
CA ILE A 215 4.10 8.60 22.93
C ILE A 215 4.98 7.43 23.32
N ALA A 216 4.53 6.23 22.95
CA ALA A 216 5.23 4.98 23.24
C ALA A 216 6.65 4.96 22.70
N MSE A 217 6.79 5.22 21.40
CA MSE A 217 8.11 5.38 20.77
C MSE A 217 8.97 6.39 21.52
O MSE A 217 10.10 6.07 21.89
CB MSE A 217 7.99 5.82 19.32
CG MSE A 217 9.37 5.75 18.65
SE MSE A 217 9.24 6.23 16.74
CE MSE A 217 11.17 6.25 16.39
N ALA A 218 8.45 7.58 21.74
CA ALA A 218 9.22 8.67 22.37
C ALA A 218 9.73 8.30 23.78
N GLU A 219 8.87 7.70 24.58
CA GLU A 219 9.28 7.30 25.93
C GLU A 219 10.38 6.24 25.87
N LYS A 220 10.23 5.25 24.97
CA LYS A 220 11.30 4.27 24.72
C LYS A 220 12.62 4.98 24.38
N GLU A 221 12.58 5.93 23.46
CA GLU A 221 13.80 6.58 22.97
C GLU A 221 14.54 7.43 24.06
N VAL A 222 13.81 8.22 24.85
CA VAL A 222 14.44 9.03 25.91
C VAL A 222 14.99 8.16 27.03
N ALA A 223 14.28 7.08 27.35
CA ALA A 223 14.82 6.07 28.26
C ALA A 223 16.16 5.60 27.70
N ALA A 224 16.08 4.95 26.54
CA ALA A 224 17.27 4.38 25.90
C ALA A 224 18.42 5.37 25.74
N LYS A 225 18.12 6.64 25.54
CA LYS A 225 19.20 7.61 25.26
C LYS A 225 19.64 8.36 26.51
N GLY A 226 19.04 8.05 27.64
CA GLY A 226 19.44 8.62 28.93
C GLY A 226 18.87 10.00 29.22
N PHE A 227 17.62 10.25 28.83
CA PHE A 227 17.03 11.57 29.00
C PHE A 227 15.72 11.52 29.78
N GLY A 228 15.42 10.36 30.36
CA GLY A 228 14.14 10.13 31.01
C GLY A 228 13.89 11.08 32.17
N ASP A 229 14.95 11.60 32.79
CA ASP A 229 14.73 12.49 33.93
C ASP A 229 14.59 13.94 33.51
N GLN A 230 14.79 14.22 32.22
CA GLN A 230 14.76 15.57 31.64
C GLN A 230 13.60 15.82 30.67
N ILE A 231 13.06 14.74 30.10
CA ILE A 231 12.04 14.87 29.06
C ILE A 231 10.88 13.96 29.40
N SER A 232 9.67 14.51 29.36
CA SER A 232 8.47 13.72 29.55
C SER A 232 7.46 14.03 28.47
N PHE A 233 6.40 13.25 28.43
CA PHE A 233 5.43 13.32 27.35
C PHE A 233 4.03 13.14 27.87
N VAL A 234 3.08 13.88 27.30
CA VAL A 234 1.68 13.75 27.69
C VAL A 234 0.83 13.57 26.45
N ARG A 235 -0.08 12.61 26.50
CA ARG A 235 -1.06 12.47 25.43
C ARG A 235 -2.13 13.57 25.58
N GLY A 236 -2.36 14.31 24.50
CA GLY A 236 -3.27 15.45 24.54
C GLY A 236 -3.45 16.07 23.18
N ASP A 237 -4.47 16.89 23.06
CA ASP A 237 -4.84 17.49 21.80
C ASP A 237 -4.35 18.94 21.81
N ALA A 238 -3.32 19.23 21.02
CA ALA A 238 -2.77 20.58 20.97
C ALA A 238 -3.78 21.60 20.41
N ARG A 239 -4.78 21.13 19.68
CA ARG A 239 -5.84 21.98 19.17
C ARG A 239 -6.65 22.60 20.29
N THR A 240 -6.77 21.87 21.40
CA THR A 240 -7.47 22.33 22.61
C THR A 240 -6.52 22.33 23.79
N ILE A 241 -5.42 23.06 23.61
CA ILE A 241 -4.29 23.04 24.55
C ILE A 241 -4.67 23.32 26.02
N ASP A 242 -5.71 24.12 26.24
CA ASP A 242 -6.11 24.49 27.61
C ASP A 242 -6.81 23.35 28.34
N GLN A 243 -7.13 22.27 27.59
CA GLN A 243 -7.71 21.05 28.15
C GLN A 243 -6.64 20.05 28.52
N VAL A 244 -5.41 20.26 28.07
CA VAL A 244 -4.35 19.26 28.24
C VAL A 244 -3.97 19.12 29.72
N SER A 245 -3.75 17.86 30.13
CA SER A 245 -3.56 17.47 31.54
C SER A 245 -2.34 18.07 32.24
N ALA A 246 -1.33 18.45 31.45
CA ALA A 246 -0.09 19.02 31.97
C ALA A 246 -0.14 20.54 32.16
N ARG A 247 -1.34 21.12 32.23
CA ARG A 247 -1.49 22.57 32.38
C ARG A 247 -0.39 23.26 33.18
N GLY A 248 -0.12 22.79 34.39
CA GLY A 248 0.76 23.51 35.33
C GLY A 248 2.23 23.62 34.91
N GLU A 249 2.68 22.71 34.05
CA GLU A 249 4.05 22.72 33.53
C GLU A 249 4.28 23.71 32.39
N PHE A 250 3.20 24.21 31.79
CA PHE A 250 3.33 25.12 30.64
C PHE A 250 3.85 26.51 31.02
N ALA A 251 3.55 27.00 32.21
CA ALA A 251 4.05 28.31 32.65
C ALA A 251 5.57 28.47 32.63
N GLU A 252 6.34 27.40 32.73
CA GLU A 252 7.82 27.53 32.77
C GLU A 252 8.45 27.42 31.39
N VAL A 253 7.66 27.01 30.43
CA VAL A 253 8.15 26.85 29.07
C VAL A 253 8.56 28.19 28.49
N ASP A 254 9.81 28.29 28.04
CA ASP A 254 10.24 29.50 27.34
C ASP A 254 10.62 29.31 25.86
N LEU A 255 10.50 28.08 25.34
CA LEU A 255 10.66 27.81 23.91
C LEU A 255 9.58 26.81 23.49
N LEU A 256 8.87 27.13 22.42
CA LEU A 256 7.82 26.29 21.90
C LEU A 256 8.21 25.87 20.48
N THR A 257 8.00 24.59 20.16
CA THR A 257 8.25 24.08 18.81
C THR A 257 7.05 23.25 18.31
N CYS A 258 6.81 23.32 17.01
CA CYS A 258 5.73 22.54 16.41
C CYS A 258 6.06 22.29 14.97
N PHE A 259 6.37 21.03 14.69
CA PHE A 259 6.75 20.61 13.35
C PHE A 259 5.83 19.53 12.78
N MSE A 260 5.33 19.78 11.57
CA MSE A 260 4.60 18.79 10.78
C MSE A 260 3.21 18.49 11.27
O MSE A 260 2.64 17.47 10.88
CB MSE A 260 5.45 17.50 10.62
CG MSE A 260 6.73 17.78 9.82
SE MSE A 260 7.71 16.10 9.39
CE MSE A 260 9.32 16.43 10.47
N MSE A 261 2.63 19.37 12.09
CA MSE A 261 1.17 19.30 12.40
C MSE A 261 0.43 20.63 12.38
O MSE A 261 -0.75 20.67 12.75
CB MSE A 261 0.93 18.66 13.77
CG MSE A 261 1.40 19.57 14.91
SE MSE A 261 0.48 19.12 16.60
CE MSE A 261 -1.31 19.72 16.12
N GLY A 262 1.07 21.71 11.99
CA GLY A 262 0.40 23.03 12.03
C GLY A 262 -0.92 23.00 11.29
N HIS A 263 -0.95 22.32 10.14
CA HIS A 263 -2.17 22.27 9.29
C HIS A 263 -3.37 21.66 10.02
N ASP A 264 -3.11 20.84 11.04
CA ASP A 264 -4.13 20.25 11.85
C ASP A 264 -4.86 21.27 12.72
N PHE A 265 -4.28 22.45 12.91
CA PHE A 265 -4.95 23.55 13.60
C PHE A 265 -6.04 24.21 12.74
N TRP A 266 -5.98 23.97 11.45
CA TRP A 266 -6.88 24.63 10.52
C TRP A 266 -8.26 23.97 10.50
N PRO A 267 -9.23 24.62 9.84
CA PRO A 267 -9.25 25.86 9.04
C PRO A 267 -8.95 27.15 9.80
N ARG A 268 -9.02 28.28 9.10
CA ARG A 268 -8.37 29.49 9.54
C ARG A 268 -8.81 29.99 10.91
N GLU A 269 -10.12 30.12 11.12
CA GLU A 269 -10.63 30.63 12.42
C GLU A 269 -10.20 29.71 13.55
N ASN A 270 -10.23 28.40 13.33
CA ASN A 270 -9.76 27.44 14.34
C ASN A 270 -8.28 27.65 14.65
N CYS A 271 -7.50 27.93 13.61
CA CYS A 271 -6.05 28.12 13.78
C CYS A 271 -5.79 29.39 14.59
N VAL A 272 -6.46 30.48 14.20
CA VAL A 272 -6.36 31.73 14.94
C VAL A 272 -6.63 31.45 16.42
N GLN A 273 -7.75 30.81 16.73
CA GLN A 273 -8.11 30.57 18.13
C GLN A 273 -7.15 29.62 18.84
N THR A 274 -6.70 28.57 18.17
CA THR A 274 -5.65 27.72 18.75
C THR A 274 -4.37 28.51 19.03
N LEU A 275 -3.97 29.38 18.10
CA LEU A 275 -2.78 30.20 18.31
C LEU A 275 -2.94 31.13 19.52
N ARG A 276 -4.14 31.67 19.72
CA ARG A 276 -4.40 32.51 20.88
C ARG A 276 -4.30 31.72 22.17
N LYS A 277 -4.84 30.50 22.16
CA LYS A 277 -4.75 29.62 23.32
C LYS A 277 -3.31 29.22 23.66
N LEU A 278 -2.49 28.99 22.64
CA LEU A 278 -1.08 28.69 22.85
C LEU A 278 -0.36 29.89 23.46
N ARG A 279 -0.63 31.08 22.92
CA ARG A 279 -0.05 32.30 23.48
C ARG A 279 -0.37 32.42 24.97
N ALA A 280 -1.60 32.12 25.35
CA ALA A 280 -2.00 32.28 26.74
C ALA A 280 -1.56 31.10 27.60
N ALA A 281 -1.58 29.90 27.05
CA ALA A 281 -1.15 28.71 27.82
C ALA A 281 0.35 28.73 28.02
N PHE A 282 1.06 29.37 27.09
CA PHE A 282 2.52 29.43 27.15
C PHE A 282 3.00 30.86 27.31
N PRO A 283 2.69 31.52 28.44
CA PRO A 283 2.96 32.97 28.59
C PRO A 283 4.42 33.36 28.63
N ASN A 284 5.30 32.42 29.00
CA ASN A 284 6.73 32.71 29.09
C ASN A 284 7.54 32.30 27.86
N VAL A 285 6.84 31.83 26.83
CA VAL A 285 7.51 31.50 25.58
C VAL A 285 8.01 32.79 24.93
N ARG A 286 9.30 32.84 24.67
CA ARG A 286 9.88 33.91 23.89
C ARG A 286 9.74 33.58 22.41
N ARG A 287 10.40 32.52 21.93
CA ARG A 287 10.28 32.10 20.53
C ARG A 287 9.49 30.82 20.33
N PHE A 288 8.75 30.79 19.22
CA PHE A 288 7.89 29.68 18.88
C PHE A 288 8.24 29.32 17.44
N LEU A 289 8.82 28.14 17.25
CA LEU A 289 9.36 27.72 15.94
C LEU A 289 8.37 26.74 15.36
N LEU A 290 7.89 27.06 14.16
CA LEU A 290 6.83 26.33 13.54
C LEU A 290 7.24 25.93 12.13
N GLY A 291 7.28 24.63 11.86
CA GLY A 291 7.63 24.05 10.58
C GLY A 291 6.55 23.13 10.03
N ASP A 292 6.30 23.19 8.73
CA ASP A 292 5.25 22.38 8.12
C ASP A 292 5.36 22.43 6.61
N ALA A 293 4.63 21.52 5.96
CA ALA A 293 4.41 21.53 4.54
C ALA A 293 3.10 22.24 4.29
N THR A 294 2.94 22.77 3.09
CA THR A 294 1.77 23.56 2.75
C THR A 294 1.16 23.06 1.46
N ARG A 295 -0.07 23.47 1.19
CA ARG A 295 -0.73 23.07 -0.06
C ARG A 295 -0.20 23.87 -1.24
N THR A 296 0.17 23.17 -2.31
CA THR A 296 0.62 23.80 -3.53
C THR A 296 -0.54 24.32 -4.35
N VAL A 297 -0.23 25.20 -5.30
CA VAL A 297 -1.21 25.71 -6.25
C VAL A 297 -0.63 25.68 -7.66
N GLY A 298 -1.41 25.17 -8.60
CA GLY A 298 -1.07 25.27 -10.03
C GLY A 298 0.02 24.37 -10.59
N ILE A 299 0.43 23.35 -9.86
CA ILE A 299 1.42 22.45 -10.42
C ILE A 299 0.74 21.48 -11.39
N PRO A 300 1.27 21.32 -12.62
CA PRO A 300 0.69 20.36 -13.56
C PRO A 300 0.68 18.93 -13.05
N ASP A 301 -0.46 18.27 -13.26
CA ASP A 301 -0.62 16.85 -12.95
C ASP A 301 0.59 15.98 -13.35
N ARG A 302 1.09 16.18 -14.56
CA ARG A 302 2.27 15.42 -15.01
C ARG A 302 3.59 15.95 -14.48
N GLU A 303 3.57 17.00 -13.68
CA GLU A 303 4.82 17.56 -13.17
C GLU A 303 4.91 17.54 -11.67
N LEU A 304 4.05 16.77 -11.03
CA LEU A 304 4.01 16.78 -9.57
C LEU A 304 5.28 16.18 -9.04
N PRO A 305 5.94 16.88 -8.11
CA PRO A 305 7.17 16.36 -7.58
C PRO A 305 6.88 15.34 -6.50
N VAL A 306 7.92 14.69 -6.03
CA VAL A 306 7.83 13.78 -4.93
C VAL A 306 7.06 14.40 -3.75
N PHE A 307 6.27 13.57 -3.08
CA PHE A 307 5.59 13.90 -1.82
C PHE A 307 4.32 14.70 -1.97
N THR A 308 4.35 15.77 -2.76
CA THR A 308 3.20 16.67 -2.92
C THR A 308 1.84 15.99 -3.01
N LEU A 309 1.71 15.04 -3.94
CA LEU A 309 0.42 14.39 -4.20
C LEU A 309 -0.05 13.59 -3.01
N GLY A 310 0.90 12.91 -2.37
CA GLY A 310 0.60 12.09 -1.22
C GLY A 310 0.20 12.92 -0.03
N PHE A 311 0.94 14.00 0.20
CA PHE A 311 0.59 14.95 1.24
C PHE A 311 -0.83 15.48 1.04
N GLU A 312 -1.11 16.02 -0.13
CA GLU A 312 -2.37 16.68 -0.39
C GLU A 312 -3.54 15.69 -0.46
N PHE A 313 -3.40 14.67 -1.30
CA PHE A 313 -4.42 13.61 -1.41
C PHE A 313 -4.69 12.95 -0.05
N GLY A 314 -3.65 12.62 0.68
CA GLY A 314 -3.85 11.95 1.95
C GLY A 314 -4.74 12.80 2.86
N HIS A 315 -4.46 14.10 2.92
CA HIS A 315 -5.15 14.95 3.87
C HIS A 315 -6.58 15.23 3.41
N ASP A 316 -6.79 15.39 2.10
CA ASP A 316 -8.16 15.48 1.57
C ASP A 316 -8.98 14.24 1.90
N MSE A 317 -8.32 13.08 1.88
CA MSE A 317 -8.97 11.80 2.25
C MSE A 317 -9.31 11.84 3.72
O MSE A 317 -10.39 11.45 4.12
CB MSE A 317 -8.08 10.59 1.90
CG MSE A 317 -8.22 10.13 0.45
SE MSE A 317 -7.03 8.57 0.14
CE MSE A 317 -8.24 7.31 1.04
N MSE A 318 -8.38 12.33 4.55
CA MSE A 318 -8.60 12.46 6.00
C MSE A 318 -9.55 13.58 6.43
O MSE A 318 -9.93 13.64 7.60
CB MSE A 318 -7.26 12.63 6.72
CG MSE A 318 -6.50 11.31 6.64
SE MSE A 318 -4.84 11.32 7.68
CE MSE A 318 -3.69 12.29 6.40
N GLY A 319 -9.98 14.43 5.49
CA GLY A 319 -10.85 15.56 5.80
C GLY A 319 -10.12 16.63 6.60
N VAL A 320 -8.81 16.75 6.42
CA VAL A 320 -7.99 17.71 7.17
C VAL A 320 -7.62 18.84 6.21
N TYR A 321 -7.83 20.10 6.64
CA TYR A 321 -7.53 21.27 5.82
C TYR A 321 -6.01 21.45 5.70
N LEU A 322 -5.55 21.80 4.51
CA LEU A 322 -4.15 22.13 4.30
C LEU A 322 -4.06 23.55 3.81
N PRO A 323 -3.48 24.46 4.60
CA PRO A 323 -3.33 25.80 4.07
C PRO A 323 -2.18 25.93 3.09
N THR A 324 -2.32 26.87 2.17
CA THR A 324 -1.16 27.36 1.39
C THR A 324 -0.27 28.20 2.28
N LEU A 325 0.92 28.48 1.79
CA LEU A 325 1.87 29.30 2.51
C LEU A 325 1.31 30.71 2.73
N ASP A 326 0.66 31.21 1.68
CA ASP A 326 -0.03 32.50 1.73
C ASP A 326 -1.02 32.59 2.90
N GLU A 327 -1.78 31.53 3.15
CA GLU A 327 -2.76 31.55 4.23
C GLU A 327 -2.11 31.59 5.61
N TRP A 328 -0.93 31.01 5.75
CA TRP A 328 -0.23 31.05 7.03
C TRP A 328 0.16 32.47 7.45
N ASP A 329 0.81 33.18 6.52
CA ASP A 329 1.28 34.56 6.76
C ASP A 329 0.18 35.40 7.41
N GLY A 330 -1.04 35.23 6.90
CA GLY A 330 -2.19 35.96 7.40
C GLY A 330 -2.68 35.72 8.82
N VAL A 331 -2.34 34.60 9.46
CA VAL A 331 -2.99 34.21 10.74
C VAL A 331 -2.23 34.54 12.01
N PHE A 332 -0.92 34.72 11.90
CA PHE A 332 -0.11 34.93 13.07
C PHE A 332 -0.52 36.16 13.86
N GLU A 333 -0.67 37.29 13.18
CA GLU A 333 -1.01 38.51 13.89
C GLU A 333 -2.31 38.36 14.68
N GLU A 334 -3.37 37.90 14.03
CA GLU A 334 -4.64 37.69 14.73
C GLU A 334 -4.50 36.62 15.81
N GLY A 335 -3.60 35.67 15.58
CA GLY A 335 -3.31 34.59 16.51
C GLY A 335 -2.53 35.07 17.71
N GLY A 336 -2.06 36.33 17.68
CA GLY A 336 -1.34 36.91 18.81
C GLY A 336 0.17 36.72 18.74
N TRP A 337 0.68 36.46 17.54
CA TRP A 337 2.12 36.31 17.36
C TRP A 337 2.65 37.21 16.23
N ARG A 338 3.92 37.57 16.36
CA ARG A 338 4.65 38.32 15.35
C ARG A 338 5.65 37.41 14.62
N CYS A 339 5.54 37.32 13.30
CA CYS A 339 6.50 36.51 12.54
C CYS A 339 7.78 37.30 12.34
N VAL A 340 8.90 36.73 12.77
CA VAL A 340 10.16 37.45 12.76
C VAL A 340 11.09 36.95 11.64
N LYS A 341 10.94 35.69 11.24
CA LYS A 341 11.76 35.14 10.16
C LYS A 341 11.06 33.95 9.52
N LYS A 342 11.30 33.77 8.24
CA LYS A 342 10.67 32.71 7.46
C LYS A 342 11.67 32.05 6.54
N HIS A 343 11.72 30.72 6.55
CA HIS A 343 12.73 29.96 5.80
C HIS A 343 12.01 29.07 4.79
N ALA A 344 12.47 29.10 3.53
CA ALA A 344 12.05 28.15 2.49
C ALA A 344 12.76 26.83 2.72
N ILE A 345 12.05 25.72 2.49
CA ILE A 345 12.62 24.40 2.62
C ILE A 345 12.78 23.85 1.21
N ASP A 346 13.89 23.16 0.95
CA ASP A 346 14.16 22.59 -0.36
C ASP A 346 13.53 21.25 -0.51
N SER A 347 12.62 21.15 -1.48
CA SER A 347 12.27 19.89 -2.12
C SER A 347 11.47 18.99 -1.20
N LEU A 348 10.57 19.60 -0.44
CA LEU A 348 9.58 18.85 0.31
C LEU A 348 8.28 19.53 -0.02
N SER A 349 7.82 19.29 -1.24
CA SER A 349 6.71 20.06 -1.78
C SER A 349 7.05 21.54 -1.56
N VAL A 350 6.11 22.35 -1.08
CA VAL A 350 6.41 23.66 -0.56
C VAL A 350 6.32 23.65 0.95
N SER A 351 7.47 23.59 1.60
CA SER A 351 7.53 23.57 3.05
C SER A 351 8.20 24.84 3.59
N VAL A 352 8.03 25.09 4.88
CA VAL A 352 8.45 26.36 5.48
C VAL A 352 8.75 26.20 6.97
N VAL A 353 9.66 27.02 7.50
CA VAL A 353 9.79 27.23 8.94
C VAL A 353 9.55 28.72 9.27
N PHE A 354 8.66 28.96 10.23
CA PHE A 354 8.39 30.32 10.73
C PHE A 354 9.04 30.45 12.10
N GLU A 355 9.67 31.59 12.36
CA GLU A 355 10.11 31.92 13.70
C GLU A 355 9.16 33.00 14.22
N LEU A 356 8.49 32.69 15.32
CA LEU A 356 7.44 33.55 15.83
C LEU A 356 7.78 34.05 17.21
N GLU A 357 7.14 35.17 17.55
CA GLU A 357 7.46 35.96 18.72
C GLU A 357 6.26 36.60 19.37
N THR B 23 24.53 15.58 -16.40
CA THR B 23 24.32 15.82 -14.93
C THR B 23 23.08 16.70 -14.71
N GLU B 24 23.11 17.92 -15.23
CA GLU B 24 21.95 18.83 -15.08
C GLU B 24 20.66 18.15 -15.57
N VAL B 25 20.64 17.80 -16.86
CA VAL B 25 19.56 17.02 -17.45
C VAL B 25 19.96 15.56 -17.37
N SER B 26 19.59 14.95 -16.25
CA SER B 26 20.07 13.65 -15.82
C SER B 26 19.74 13.55 -14.35
N GLU B 27 20.13 14.58 -13.61
CA GLU B 27 19.60 14.83 -12.29
C GLU B 27 18.12 15.23 -12.42
N ALA B 28 17.79 16.04 -13.42
CA ALA B 28 16.39 16.31 -13.73
C ALA B 28 15.64 15.02 -14.02
N GLN B 29 16.30 14.08 -14.69
CA GLN B 29 15.69 12.82 -15.08
C GLN B 29 15.46 11.93 -13.87
N ALA B 30 16.49 11.75 -13.06
CA ALA B 30 16.37 10.92 -11.89
C ALA B 30 15.28 11.50 -10.98
N ARG B 31 15.26 12.83 -10.90
CA ARG B 31 14.27 13.55 -10.11
C ARG B 31 12.88 13.24 -10.62
N ARG B 32 12.65 13.24 -11.92
CA ARG B 32 11.30 12.95 -12.37
C ARG B 32 10.96 11.46 -12.31
N ALA B 33 11.97 10.61 -12.48
CA ALA B 33 11.77 9.15 -12.33
C ALA B 33 11.27 8.78 -10.91
N VAL B 34 11.92 9.32 -9.90
CA VAL B 34 11.60 9.00 -8.53
C VAL B 34 10.26 9.63 -8.13
N ALA B 35 10.00 10.84 -8.60
CA ALA B 35 8.68 11.40 -8.43
C ALA B 35 7.59 10.52 -9.09
N ASP B 36 7.90 9.92 -10.25
CA ASP B 36 6.96 9.04 -10.97
C ASP B 36 6.72 7.75 -10.18
N ILE B 37 7.76 7.24 -9.54
CA ILE B 37 7.59 6.06 -8.71
C ILE B 37 6.63 6.36 -7.54
N PHE B 38 6.85 7.48 -6.86
CA PHE B 38 6.01 7.89 -5.74
C PHE B 38 4.56 8.05 -6.20
N ASN B 39 4.34 8.82 -7.27
CA ASN B 39 2.96 9.07 -7.73
C ASN B 39 2.28 7.82 -8.26
N SER B 40 3.07 6.91 -8.83
CA SER B 40 2.55 5.64 -9.36
C SER B 40 1.92 4.78 -8.26
N THR B 41 2.44 4.89 -7.05
CA THR B 41 1.92 4.23 -5.88
C THR B 41 0.49 4.66 -5.61
N LEU B 42 0.29 5.97 -5.66
CA LEU B 42 -1.03 6.54 -5.51
C LEU B 42 -1.95 6.17 -6.66
N ALA B 43 -1.48 6.32 -7.90
CA ALA B 43 -2.30 5.97 -9.08
C ALA B 43 -2.71 4.49 -9.07
N SER B 44 -1.77 3.64 -8.68
CA SER B 44 -1.95 2.20 -8.59
C SER B 44 -3.10 1.85 -7.65
N SER B 45 -3.08 2.44 -6.46
CA SER B 45 -4.16 2.25 -5.51
C SER B 45 -5.48 2.82 -6.07
N ALA B 46 -5.40 3.92 -6.78
CA ALA B 46 -6.59 4.58 -7.32
C ALA B 46 -7.24 3.75 -8.42
N ILE B 47 -6.46 2.91 -9.09
CA ILE B 47 -7.00 2.15 -10.20
C ILE B 47 -8.06 1.19 -9.66
N GLY B 48 -7.67 0.37 -8.69
CA GLY B 48 -8.64 -0.49 -8.02
C GLY B 48 -9.80 0.27 -7.42
N ALA B 49 -9.52 1.41 -6.81
CA ALA B 49 -10.59 2.13 -6.12
C ALA B 49 -11.59 2.70 -7.09
N ALA B 50 -11.09 3.28 -8.18
CA ALA B 50 -11.91 3.86 -9.23
C ALA B 50 -12.73 2.76 -9.93
N TRP B 51 -12.16 1.56 -10.04
CA TRP B 51 -12.91 0.39 -10.52
C TRP B 51 -14.10 0.15 -9.59
N GLU B 52 -13.80 -0.09 -8.31
CA GLU B 52 -14.81 -0.36 -7.29
C GLU B 52 -15.87 0.74 -7.17
N LEU B 53 -15.48 2.00 -7.30
CA LEU B 53 -16.44 3.10 -7.14
C LEU B 53 -17.26 3.40 -8.40
N GLY B 54 -16.93 2.73 -9.50
CA GLY B 54 -17.69 2.85 -10.75
C GLY B 54 -17.10 3.85 -11.75
N ALA B 55 -16.00 4.50 -11.40
CA ALA B 55 -15.43 5.53 -12.26
C ALA B 55 -14.85 4.98 -13.56
N LEU B 56 -14.20 3.82 -13.51
CA LEU B 56 -13.55 3.31 -14.68
C LEU B 56 -14.57 2.92 -15.73
N ASP B 57 -15.68 2.33 -15.30
CA ASP B 57 -16.72 1.88 -16.22
C ASP B 57 -17.45 3.05 -16.88
N GLU B 58 -17.77 4.10 -16.11
CA GLU B 58 -18.31 5.32 -16.69
C GLU B 58 -17.41 5.88 -17.77
N LEU B 59 -16.12 5.94 -17.48
CA LEU B 59 -15.15 6.48 -18.40
C LEU B 59 -15.03 5.61 -19.65
N ARG B 60 -15.01 4.29 -19.48
CA ARG B 60 -14.97 3.42 -20.67
C ARG B 60 -16.20 3.66 -21.54
N GLU B 61 -17.37 3.78 -20.92
CA GLU B 61 -18.64 3.92 -21.64
C GLU B 61 -18.83 5.27 -22.34
N ASN B 62 -18.36 6.36 -21.70
CA ASN B 62 -18.56 7.73 -22.22
C ASN B 62 -17.30 8.49 -22.60
N GLY B 63 -16.12 7.96 -22.30
CA GLY B 63 -14.85 8.66 -22.55
C GLY B 63 -14.56 9.85 -21.63
N LYS B 64 -15.54 10.23 -20.82
CA LYS B 64 -15.51 11.49 -20.11
C LYS B 64 -16.49 11.47 -18.95
N LEU B 65 -16.21 12.24 -17.91
CA LEU B 65 -17.16 12.45 -16.84
C LEU B 65 -16.97 13.79 -16.15
N ASP B 66 -18.02 14.25 -15.48
CA ASP B 66 -17.98 15.45 -14.69
C ASP B 66 -17.74 15.11 -13.23
N VAL B 67 -16.64 15.63 -12.69
CA VAL B 67 -16.15 15.26 -11.36
C VAL B 67 -17.16 15.54 -10.24
N SER B 68 -17.66 16.76 -10.17
CA SER B 68 -18.64 17.11 -9.13
C SER B 68 -19.90 16.26 -9.26
N ASP B 69 -20.36 16.06 -10.47
CA ASP B 69 -21.56 15.26 -10.75
C ASP B 69 -21.37 13.78 -10.39
N PHE B 70 -20.15 13.27 -10.59
CA PHE B 70 -19.79 11.93 -10.15
C PHE B 70 -19.77 11.81 -8.63
N ALA B 71 -19.22 12.81 -7.96
CA ALA B 71 -19.11 12.80 -6.52
C ALA B 71 -20.48 12.85 -5.85
N VAL B 72 -21.43 13.52 -6.52
CA VAL B 72 -22.80 13.70 -6.02
C VAL B 72 -23.64 12.46 -6.28
N ARG B 73 -23.54 11.89 -7.49
CA ARG B 73 -24.29 10.69 -7.83
C ARG B 73 -23.90 9.49 -6.96
N HIS B 74 -22.62 9.39 -6.59
CA HIS B 74 -22.13 8.30 -5.75
C HIS B 74 -21.97 8.73 -4.29
N ASP B 75 -22.38 9.96 -3.97
CA ASP B 75 -22.24 10.56 -2.63
C ASP B 75 -20.87 10.29 -2.02
N LEU B 76 -19.84 10.82 -2.68
CA LEU B 76 -18.45 10.69 -2.24
C LEU B 76 -17.87 12.03 -1.83
N HIS B 77 -16.88 12.00 -0.95
CA HIS B 77 -16.19 13.21 -0.54
C HIS B 77 -15.40 13.82 -1.72
N GLU B 78 -15.86 14.98 -2.20
CA GLU B 78 -15.39 15.52 -3.49
C GLU B 78 -13.87 15.84 -3.53
N PRO B 79 -13.34 16.47 -2.47
CA PRO B 79 -11.89 16.69 -2.42
C PRO B 79 -11.07 15.40 -2.58
N ALA B 80 -11.56 14.30 -2.04
CA ALA B 80 -10.89 13.01 -2.16
C ALA B 80 -11.06 12.46 -3.57
N VAL B 81 -12.25 12.66 -4.14
CA VAL B 81 -12.52 12.25 -5.51
C VAL B 81 -11.55 12.95 -6.46
N VAL B 82 -11.35 14.24 -6.24
CA VAL B 82 -10.47 15.03 -7.06
C VAL B 82 -9.03 14.51 -6.93
N GLY B 83 -8.64 14.15 -5.72
CA GLY B 83 -7.33 13.59 -5.48
C GLY B 83 -7.15 12.29 -6.24
N MSE B 84 -8.17 11.43 -6.18
CA MSE B 84 -8.13 10.13 -6.85
C MSE B 84 -7.87 10.28 -8.32
O MSE B 84 -7.01 9.59 -8.88
CB MSE B 84 -9.45 9.37 -6.59
CG MSE B 84 -9.38 8.01 -7.24
SE MSE B 84 -11.11 7.11 -6.97
CE MSE B 84 -12.37 8.19 -8.00
N PHE B 85 -8.61 11.18 -8.96
CA PHE B 85 -8.46 11.44 -10.39
C PHE B 85 -7.16 12.18 -10.71
N THR B 86 -6.67 12.96 -9.78
CA THR B 86 -5.39 13.64 -9.91
C THR B 86 -4.28 12.59 -9.91
N ALA B 87 -4.37 11.62 -9.01
CA ALA B 87 -3.42 10.51 -8.97
C ALA B 87 -3.42 9.73 -10.28
N LEU B 88 -4.59 9.40 -10.81
CA LEU B 88 -4.62 8.70 -12.09
C LEU B 88 -4.07 9.60 -13.21
N ALA B 89 -4.28 10.90 -13.15
CA ALA B 89 -3.78 11.75 -14.25
C ALA B 89 -2.27 11.97 -14.19
N SER B 90 -1.72 11.89 -12.99
CA SER B 90 -0.30 12.11 -12.71
C SER B 90 0.58 11.12 -13.44
N VAL B 91 0.03 9.96 -13.82
CA VAL B 91 0.81 8.99 -14.60
C VAL B 91 0.23 8.68 -15.98
N GLY B 92 -0.80 9.44 -16.39
CA GLY B 92 -1.32 9.36 -17.74
C GLY B 92 -2.51 8.45 -18.00
N ILE B 93 -3.23 8.05 -16.97
CA ILE B 93 -4.38 7.16 -17.16
C ILE B 93 -5.66 7.92 -17.53
N VAL B 94 -5.82 9.09 -16.95
CA VAL B 94 -6.88 10.00 -17.30
C VAL B 94 -6.27 11.40 -17.49
N ARG B 95 -7.09 12.34 -17.95
CA ARG B 95 -6.70 13.75 -18.01
C ARG B 95 -7.82 14.59 -17.42
N ARG B 96 -7.43 15.64 -16.70
CA ARG B 96 -8.39 16.54 -16.08
C ARG B 96 -8.50 17.79 -16.94
N GLU B 97 -9.73 18.13 -17.32
CA GLU B 97 -9.99 19.33 -18.09
C GLU B 97 -11.17 20.04 -17.45
N GLY B 98 -10.90 21.19 -16.83
CA GLY B 98 -11.93 21.99 -16.18
C GLY B 98 -12.67 21.18 -15.13
N ALA B 99 -13.97 21.00 -15.35
CA ALA B 99 -14.83 20.22 -14.45
C ALA B 99 -14.82 18.73 -14.81
N THR B 100 -14.07 18.37 -15.85
CA THR B 100 -14.20 17.08 -16.52
C THR B 100 -12.97 16.18 -16.33
N VAL B 101 -13.21 14.87 -16.26
CA VAL B 101 -12.15 13.89 -16.42
C VAL B 101 -12.39 13.14 -17.70
N VAL B 102 -11.35 13.00 -18.52
CA VAL B 102 -11.43 12.21 -19.76
C VAL B 102 -10.35 11.13 -19.74
N VAL B 103 -10.52 10.13 -20.61
CA VAL B 103 -9.58 9.05 -20.67
C VAL B 103 -8.23 9.55 -21.14
N GLY B 104 -7.17 8.99 -20.57
CA GLY B 104 -5.83 9.31 -20.96
C GLY B 104 -5.25 8.28 -21.91
N PRO B 105 -4.00 8.50 -22.33
CA PRO B 105 -3.37 7.57 -23.24
C PRO B 105 -3.30 6.15 -22.69
N TYR B 106 -3.14 6.00 -21.38
CA TYR B 106 -2.97 4.66 -20.81
C TYR B 106 -4.24 4.05 -20.27
N PHE B 107 -5.40 4.66 -20.54
CA PHE B 107 -6.64 4.22 -19.93
C PHE B 107 -7.01 2.77 -20.26
N ASP B 108 -7.07 2.44 -21.54
CA ASP B 108 -7.52 1.10 -21.96
C ASP B 108 -6.68 0.00 -21.31
N GLU B 109 -5.37 0.18 -21.29
CA GLU B 109 -4.48 -0.81 -20.72
C GLU B 109 -4.66 -0.95 -19.22
N ALA B 110 -4.64 0.17 -18.50
CA ALA B 110 -4.83 0.15 -17.06
C ALA B 110 -6.20 -0.39 -16.71
N ASN B 111 -7.22 0.05 -17.42
CA ASN B 111 -8.57 -0.51 -17.19
C ASN B 111 -8.64 -2.00 -17.50
N HIS B 112 -7.98 -2.43 -18.56
CA HIS B 112 -7.94 -3.84 -18.87
C HIS B 112 -7.43 -4.66 -17.66
N HIS B 113 -6.39 -4.16 -17.01
CA HIS B 113 -5.73 -4.87 -15.92
C HIS B 113 -6.17 -4.39 -14.56
N ARG B 114 -7.33 -3.73 -14.50
CA ARG B 114 -7.73 -3.05 -13.27
C ARG B 114 -7.84 -4.03 -12.09
N SER B 115 -8.31 -5.25 -12.33
CA SER B 115 -8.43 -6.26 -11.26
C SER B 115 -7.07 -6.66 -10.65
N LEU B 116 -6.00 -6.50 -11.42
CA LEU B 116 -4.66 -6.87 -10.97
C LEU B 116 -4.13 -5.80 -10.02
N PHE B 117 -4.46 -4.53 -10.29
CA PHE B 117 -4.11 -3.45 -9.39
C PHE B 117 -4.90 -3.53 -8.11
N HIS B 118 -6.21 -3.81 -8.23
CA HIS B 118 -7.04 -4.04 -7.07
C HIS B 118 -6.48 -5.17 -6.19
N TRP B 119 -6.07 -6.29 -6.81
CA TRP B 119 -5.50 -7.42 -6.10
C TRP B 119 -4.25 -6.95 -5.35
N LEU B 120 -3.37 -6.24 -6.05
CA LEU B 120 -2.14 -5.72 -5.46
C LEU B 120 -2.37 -4.79 -4.24
N ASN B 121 -3.32 -3.87 -4.36
CA ASN B 121 -3.54 -2.82 -3.37
C ASN B 121 -4.67 -3.15 -2.40
N GLN B 122 -5.91 -3.12 -2.86
CA GLN B 122 -7.02 -3.35 -1.97
C GLN B 122 -6.95 -4.76 -1.32
N GLY B 123 -6.60 -5.78 -2.10
CA GLY B 123 -6.49 -7.14 -1.55
C GLY B 123 -5.26 -7.39 -0.69
N SER B 124 -4.09 -7.09 -1.25
CA SER B 124 -2.81 -7.50 -0.69
C SER B 124 -1.92 -6.36 -0.18
N GLY B 125 -2.40 -5.12 -0.26
CA GLY B 125 -1.63 -3.95 0.18
C GLY B 125 -1.06 -4.07 1.58
N GLU B 126 -1.83 -4.62 2.52
CA GLU B 126 -1.34 -4.82 3.88
C GLU B 126 -0.13 -5.77 4.00
N LEU B 127 0.03 -6.71 3.07
CA LEU B 127 1.21 -7.57 3.09
C LEU B 127 2.46 -6.78 2.71
N PHE B 128 2.36 -6.08 1.59
CA PHE B 128 3.48 -5.32 1.06
C PHE B 128 3.86 -4.13 1.94
N ARG B 129 2.87 -3.50 2.55
CA ARG B 129 3.11 -2.40 3.50
C ARG B 129 4.01 -2.87 4.68
N ARG B 130 3.79 -4.09 5.16
CA ARG B 130 4.49 -4.60 6.34
C ARG B 130 5.77 -5.38 5.99
N MSE B 131 6.36 -5.09 4.84
CA MSE B 131 7.63 -5.71 4.43
C MSE B 131 8.71 -5.67 5.48
O MSE B 131 9.43 -6.66 5.64
CB MSE B 131 8.04 -5.03 3.14
CG MSE B 131 9.30 -5.59 2.50
SE MSE B 131 9.56 -4.73 0.74
CE MSE B 131 7.80 -4.29 0.02
N PRO B 132 8.88 -4.54 6.20
CA PRO B 132 9.97 -4.58 7.16
C PRO B 132 9.69 -5.49 8.35
N GLN B 133 8.43 -5.85 8.61
CA GLN B 133 8.08 -6.80 9.69
C GLN B 133 7.93 -8.25 9.21
N VAL B 134 7.70 -8.45 7.91
CA VAL B 134 7.48 -9.77 7.33
C VAL B 134 8.80 -10.49 6.97
N LEU B 135 9.79 -9.73 6.53
CA LEU B 135 11.07 -10.31 6.10
C LEU B 135 11.87 -10.97 7.24
N PRO B 136 11.91 -10.35 8.41
CA PRO B 136 12.70 -11.00 9.49
C PRO B 136 12.18 -12.38 9.90
N ASN B 137 13.07 -13.36 9.90
CA ASN B 137 12.72 -14.75 10.23
C ASN B 137 12.11 -14.94 11.61
N GLU B 138 12.52 -14.09 12.55
CA GLU B 138 12.04 -14.22 13.91
C GLU B 138 10.55 -13.98 14.01
N ASN B 139 10.04 -13.12 13.13
CA ASN B 139 8.60 -12.79 13.08
C ASN B 139 7.81 -13.77 12.26
N ARG B 140 8.47 -14.61 11.48
CA ARG B 140 7.77 -15.46 10.51
C ARG B 140 7.22 -16.78 11.08
N THR B 141 6.34 -16.65 12.06
CA THR B 141 5.58 -17.77 12.62
C THR B 141 4.15 -17.28 12.92
N GLY B 142 3.19 -18.20 12.97
CA GLY B 142 1.80 -17.83 13.23
C GLY B 142 1.25 -16.96 12.11
N LYS B 143 0.54 -15.90 12.50
CA LYS B 143 -0.21 -15.06 11.56
C LYS B 143 0.61 -13.83 11.19
N PHE B 144 1.75 -14.05 10.56
CA PHE B 144 2.73 -12.98 10.44
C PHE B 144 2.44 -12.00 9.30
N TYR B 145 1.32 -12.19 8.60
CA TYR B 145 0.82 -11.20 7.65
C TYR B 145 -0.69 -11.29 7.56
N GLN B 146 -1.30 -10.28 6.94
CA GLN B 146 -2.74 -10.25 6.78
C GLN B 146 -3.06 -9.60 5.45
N ARG B 147 -4.02 -10.17 4.74
CA ARG B 147 -4.59 -9.61 3.54
C ARG B 147 -6.13 -9.57 3.67
N ASP B 148 -6.80 -9.04 2.65
CA ASP B 148 -8.24 -8.82 2.65
C ASP B 148 -8.91 -9.84 1.71
N ALA B 149 -9.37 -10.94 2.32
CA ALA B 149 -9.90 -12.09 1.59
C ALA B 149 -11.09 -11.68 0.73
N GLY B 150 -11.97 -10.89 1.32
CA GLY B 150 -13.11 -10.36 0.60
C GLY B 150 -12.68 -9.56 -0.60
N ALA B 151 -11.66 -8.72 -0.41
CA ALA B 151 -11.19 -7.85 -1.48
C ALA B 151 -10.61 -8.72 -2.56
N ILE B 152 -9.89 -9.77 -2.16
CA ILE B 152 -9.25 -10.65 -3.10
C ILE B 152 -10.30 -11.39 -3.93
N SER B 153 -11.38 -11.79 -3.29
CA SER B 153 -12.42 -12.58 -3.95
C SER B 153 -13.08 -11.74 -5.04
N TYR B 154 -13.37 -10.50 -4.68
CA TYR B 154 -13.92 -9.49 -5.59
C TYR B 154 -13.03 -9.29 -6.82
N ALA B 155 -11.73 -9.06 -6.60
CA ALA B 155 -10.82 -8.88 -7.73
C ALA B 155 -10.74 -10.13 -8.59
N CYS B 156 -10.62 -11.27 -7.93
CA CYS B 156 -10.47 -12.55 -8.62
C CYS B 156 -11.64 -12.92 -9.50
N ARG B 157 -12.83 -12.45 -9.15
CA ARG B 157 -13.97 -12.69 -10.00
C ARG B 157 -13.74 -12.10 -11.39
N GLU B 158 -13.14 -10.91 -11.46
CA GLU B 158 -12.83 -10.33 -12.77
C GLU B 158 -11.58 -10.98 -13.37
N ILE B 159 -10.56 -11.27 -12.55
CA ILE B 159 -9.38 -11.95 -13.06
C ILE B 159 -9.77 -13.24 -13.78
N SER B 160 -10.64 -14.02 -13.16
CA SER B 160 -11.12 -15.24 -13.80
C SER B 160 -11.79 -14.95 -15.14
N GLU B 161 -12.76 -14.05 -15.12
CA GLU B 161 -13.57 -13.82 -16.30
C GLU B 161 -12.73 -13.26 -17.41
N ARG B 162 -11.86 -12.33 -17.09
CA ARG B 162 -11.13 -11.61 -18.11
C ARG B 162 -9.94 -12.39 -18.68
N TYR B 163 -9.25 -13.18 -17.85
CA TYR B 163 -8.03 -13.88 -18.32
C TYR B 163 -8.23 -15.41 -18.52
N PHE B 164 -8.92 -16.05 -17.60
CA PHE B 164 -9.06 -17.51 -17.64
C PHE B 164 -10.26 -18.02 -18.45
N ASP B 165 -11.30 -17.22 -18.64
CA ASP B 165 -12.55 -17.73 -19.18
C ASP B 165 -12.42 -18.40 -20.56
N PRO B 166 -11.71 -17.77 -21.53
CA PRO B 166 -11.60 -18.39 -22.83
C PRO B 166 -11.03 -19.81 -22.76
N ALA B 167 -9.94 -19.98 -22.01
CA ALA B 167 -9.35 -21.30 -21.80
C ALA B 167 -10.28 -22.24 -21.00
N PHE B 168 -10.87 -21.72 -19.92
CA PHE B 168 -11.83 -22.47 -19.11
C PHE B 168 -13.04 -23.01 -19.89
N TRP B 169 -13.69 -22.13 -20.66
CA TRP B 169 -14.88 -22.54 -21.37
C TRP B 169 -14.55 -23.44 -22.57
N ALA B 170 -13.35 -23.32 -23.12
CA ALA B 170 -12.89 -24.30 -24.12
C ALA B 170 -12.74 -25.70 -23.51
N ALA B 171 -12.22 -25.76 -22.29
CA ALA B 171 -12.06 -27.02 -21.61
C ALA B 171 -13.43 -27.56 -21.17
N VAL B 172 -14.32 -26.68 -20.74
CA VAL B 172 -15.65 -27.11 -20.35
C VAL B 172 -16.35 -27.65 -21.60
N ASP B 173 -16.15 -26.98 -22.72
CA ASP B 173 -16.73 -27.42 -23.94
C ASP B 173 -16.31 -28.87 -24.25
N GLY B 174 -15.06 -29.20 -23.95
CA GLY B 174 -14.44 -30.50 -24.30
C GLY B 174 -14.46 -31.59 -23.25
N LEU B 175 -15.29 -31.45 -22.23
CA LEU B 175 -15.35 -32.46 -21.15
C LEU B 175 -15.75 -33.86 -21.63
N GLY B 176 -16.62 -33.92 -22.64
CA GLY B 176 -17.20 -35.19 -23.14
C GLY B 176 -18.37 -35.64 -22.30
N TYR B 177 -18.86 -34.77 -21.40
CA TYR B 177 -19.97 -35.13 -20.52
C TYR B 177 -20.66 -33.90 -19.89
N THR B 178 -21.81 -34.14 -19.28
CA THR B 178 -22.52 -33.10 -18.55
C THR B 178 -22.25 -33.31 -17.07
N PRO B 179 -21.52 -32.38 -16.43
CA PRO B 179 -21.30 -32.57 -14.98
C PRO B 179 -22.61 -32.57 -14.18
N THR B 180 -22.65 -33.38 -13.13
CA THR B 180 -23.83 -33.48 -12.27
C THR B 180 -23.59 -32.86 -10.88
N THR B 181 -22.38 -33.06 -10.36
CA THR B 181 -21.93 -32.35 -9.17
C THR B 181 -20.50 -31.86 -9.41
N VAL B 182 -20.28 -30.56 -9.22
CA VAL B 182 -18.97 -29.96 -9.39
C VAL B 182 -18.39 -29.48 -8.05
N ALA B 183 -17.09 -29.70 -7.88
CA ALA B 183 -16.44 -29.15 -6.71
C ALA B 183 -15.38 -28.19 -7.15
N ASP B 184 -15.31 -27.05 -6.45
CA ASP B 184 -14.40 -26.02 -6.79
C ASP B 184 -13.48 -25.69 -5.59
N LEU B 185 -12.21 -25.93 -5.78
CA LEU B 185 -11.25 -25.81 -4.71
C LEU B 185 -10.72 -24.38 -4.72
N GLY B 186 -11.06 -23.61 -3.68
CA GLY B 186 -10.62 -22.22 -3.57
C GLY B 186 -11.67 -21.38 -4.27
N SER B 187 -12.92 -21.62 -3.89
CA SER B 187 -14.07 -21.11 -4.63
C SER B 187 -14.22 -19.57 -4.60
N GLY B 188 -13.56 -18.89 -3.66
CA GLY B 188 -13.54 -17.42 -3.64
C GLY B 188 -14.95 -16.81 -3.69
N SER B 189 -15.24 -16.04 -4.74
CA SER B 189 -16.55 -15.39 -4.94
C SER B 189 -17.74 -16.31 -5.26
N GLY B 190 -17.47 -17.57 -5.59
CA GLY B 190 -18.53 -18.50 -6.00
C GLY B 190 -18.99 -18.41 -7.45
N GLU B 191 -18.39 -17.49 -8.22
CA GLU B 191 -18.91 -17.20 -9.57
C GLU B 191 -18.74 -18.32 -10.60
N ARG B 192 -17.62 -19.04 -10.55
CA ARG B 192 -17.47 -20.25 -11.42
C ARG B 192 -18.63 -21.22 -11.26
N LEU B 193 -18.91 -21.55 -10.00
CA LEU B 193 -19.97 -22.48 -9.69
C LEU B 193 -21.31 -21.92 -10.17
N ILE B 194 -21.51 -20.62 -9.89
CA ILE B 194 -22.70 -19.94 -10.41
C ILE B 194 -22.78 -20.09 -11.93
N GLN B 195 -21.69 -19.77 -12.65
CA GLN B 195 -21.72 -19.84 -14.11
C GLN B 195 -21.91 -21.24 -14.67
N ILE B 196 -21.24 -22.24 -14.08
CA ILE B 196 -21.49 -23.63 -14.48
C ILE B 196 -22.98 -23.98 -14.25
N ALA B 197 -23.52 -23.52 -13.12
CA ALA B 197 -24.95 -23.73 -12.85
C ALA B 197 -25.83 -23.05 -13.91
N ARG B 198 -25.44 -21.86 -14.41
CA ARG B 198 -26.21 -21.23 -15.53
C ARG B 198 -26.17 -22.09 -16.80
N ARG B 199 -25.02 -22.64 -17.11
CA ARG B 199 -24.85 -23.38 -18.36
C ARG B 199 -25.43 -24.80 -18.20
N PHE B 200 -25.42 -25.33 -16.98
CA PHE B 200 -25.92 -26.70 -16.71
C PHE B 200 -26.99 -26.67 -15.62
N PRO B 201 -28.25 -26.42 -16.02
CA PRO B 201 -29.33 -26.25 -15.06
C PRO B 201 -29.51 -27.48 -14.18
N GLY B 202 -29.70 -27.25 -12.89
CA GLY B 202 -29.86 -28.33 -11.93
C GLY B 202 -28.61 -29.14 -11.67
N VAL B 203 -27.44 -28.65 -12.09
CA VAL B 203 -26.17 -29.20 -11.60
C VAL B 203 -26.05 -28.87 -10.09
N ARG B 204 -25.28 -29.65 -9.35
CA ARG B 204 -25.01 -29.35 -7.95
C ARG B 204 -23.58 -28.81 -7.84
N GLY B 205 -23.32 -28.00 -6.82
CA GLY B 205 -21.99 -27.40 -6.63
C GLY B 205 -21.55 -27.33 -5.18
N LEU B 206 -20.25 -27.55 -4.96
CA LEU B 206 -19.66 -27.44 -3.63
C LEU B 206 -18.35 -26.66 -3.68
N GLY B 207 -18.29 -25.54 -2.99
CA GLY B 207 -17.09 -24.71 -2.95
C GLY B 207 -16.36 -24.85 -1.62
N VAL B 208 -15.08 -25.17 -1.67
CA VAL B 208 -14.27 -25.15 -0.46
C VAL B 208 -13.35 -23.91 -0.52
N ASP B 209 -13.29 -23.14 0.57
CA ASP B 209 -12.33 -22.04 0.67
C ASP B 209 -11.89 -21.92 2.13
N ILE B 210 -10.60 -21.68 2.34
CA ILE B 210 -10.02 -21.58 3.67
C ILE B 210 -10.35 -20.24 4.37
N ALA B 211 -10.84 -19.25 3.61
CA ALA B 211 -11.17 -17.91 4.11
C ALA B 211 -12.67 -17.67 4.24
N ASP B 212 -13.12 -17.25 5.42
CA ASP B 212 -14.51 -16.87 5.65
C ASP B 212 -14.97 -15.65 4.83
N GLY B 213 -14.02 -14.79 4.44
CA GLY B 213 -14.35 -13.62 3.63
C GLY B 213 -14.80 -13.99 2.22
N ALA B 214 -14.21 -15.04 1.67
CA ALA B 214 -14.64 -15.61 0.39
C ALA B 214 -16.01 -16.31 0.56
N ILE B 215 -16.06 -17.20 1.56
CA ILE B 215 -17.27 -17.97 1.88
C ILE B 215 -18.43 -17.00 2.03
N ALA B 216 -18.20 -15.90 2.75
CA ALA B 216 -19.24 -14.92 3.02
C ALA B 216 -19.73 -14.25 1.74
N MSE B 217 -18.80 -13.88 0.85
CA MSE B 217 -19.15 -13.26 -0.40
C MSE B 217 -19.89 -14.26 -1.25
O MSE B 217 -20.94 -13.95 -1.80
CB MSE B 217 -17.91 -12.76 -1.15
CG MSE B 217 -18.31 -12.03 -2.44
SE MSE B 217 -16.69 -11.47 -3.44
CE MSE B 217 -17.54 -10.72 -5.05
N ALA B 218 -19.36 -15.48 -1.34
CA ALA B 218 -19.99 -16.54 -2.14
C ALA B 218 -21.42 -16.88 -1.69
N GLU B 219 -21.69 -16.92 -0.38
CA GLU B 219 -23.03 -17.25 0.13
C GLU B 219 -24.00 -16.18 -0.32
N LYS B 220 -23.52 -14.95 -0.23
CA LYS B 220 -24.30 -13.78 -0.59
C LYS B 220 -24.65 -13.77 -2.10
N GLU B 221 -23.68 -14.11 -2.94
CA GLU B 221 -23.88 -14.09 -4.40
C GLU B 221 -24.81 -15.20 -4.90
N VAL B 222 -24.71 -16.39 -4.30
CA VAL B 222 -25.59 -17.49 -4.69
C VAL B 222 -27.02 -17.25 -4.19
N ALA B 223 -27.15 -16.68 -3.01
CA ALA B 223 -28.47 -16.28 -2.52
C ALA B 223 -29.10 -15.36 -3.56
N ALA B 224 -28.42 -14.25 -3.81
CA ALA B 224 -28.92 -13.17 -4.68
C ALA B 224 -29.27 -13.61 -6.10
N LYS B 225 -28.53 -14.57 -6.65
CA LYS B 225 -28.78 -15.07 -8.00
C LYS B 225 -29.65 -16.35 -7.96
N GLY B 226 -30.15 -16.68 -6.78
CA GLY B 226 -31.11 -17.78 -6.61
C GLY B 226 -30.54 -19.16 -6.86
N PHE B 227 -29.30 -19.39 -6.43
CA PHE B 227 -28.67 -20.71 -6.58
C PHE B 227 -28.37 -21.39 -5.23
N GLY B 228 -28.86 -20.83 -4.13
CA GLY B 228 -28.65 -21.41 -2.80
C GLY B 228 -29.24 -22.81 -2.75
N ASP B 229 -30.30 -22.99 -3.53
CA ASP B 229 -30.84 -24.32 -3.90
C ASP B 229 -29.78 -25.39 -4.19
N GLN B 230 -28.85 -25.06 -5.09
CA GLN B 230 -27.94 -26.05 -5.71
C GLN B 230 -26.45 -25.96 -5.29
N ILE B 231 -26.04 -24.84 -4.69
CA ILE B 231 -24.60 -24.62 -4.39
C ILE B 231 -24.36 -24.42 -2.89
N SER B 232 -23.37 -25.13 -2.34
CA SER B 232 -22.98 -24.90 -0.96
C SER B 232 -21.51 -24.67 -0.82
N PHE B 233 -21.13 -24.10 0.32
CA PHE B 233 -19.76 -23.74 0.63
C PHE B 233 -19.39 -24.24 2.00
N VAL B 234 -18.12 -24.58 2.15
CA VAL B 234 -17.55 -25.08 3.39
C VAL B 234 -16.19 -24.44 3.57
N ARG B 235 -15.91 -23.96 4.78
CA ARG B 235 -14.58 -23.47 5.08
C ARG B 235 -13.70 -24.65 5.41
N GLY B 236 -12.71 -24.90 4.56
CA GLY B 236 -11.73 -25.96 4.78
C GLY B 236 -10.45 -25.72 4.00
N ASP B 237 -9.46 -26.57 4.27
CA ASP B 237 -8.15 -26.51 3.63
C ASP B 237 -8.10 -27.59 2.57
N ALA B 238 -8.06 -27.19 1.30
CA ALA B 238 -8.05 -28.16 0.21
C ALA B 238 -6.71 -28.90 0.11
N ARG B 239 -5.68 -28.40 0.76
CA ARG B 239 -4.38 -29.07 0.81
C ARG B 239 -4.51 -30.40 1.53
N THR B 240 -5.40 -30.45 2.52
CA THR B 240 -5.62 -31.66 3.33
C THR B 240 -7.09 -32.01 3.22
N ILE B 241 -7.44 -32.51 2.03
CA ILE B 241 -8.83 -32.69 1.66
C ILE B 241 -9.61 -33.67 2.53
N ASP B 242 -8.92 -34.59 3.20
CA ASP B 242 -9.61 -35.58 4.06
C ASP B 242 -10.09 -35.03 5.41
N GLN B 243 -9.61 -33.84 5.79
CA GLN B 243 -10.07 -33.13 6.97
C GLN B 243 -10.98 -31.95 6.60
N VAL B 244 -11.33 -31.85 5.32
CA VAL B 244 -12.38 -30.92 4.89
C VAL B 244 -13.69 -31.60 5.30
N SER B 245 -14.45 -30.91 6.15
CA SER B 245 -15.61 -31.51 6.80
C SER B 245 -16.92 -31.25 6.03
N ALA B 246 -16.89 -31.57 4.75
CA ALA B 246 -18.09 -31.83 3.95
C ALA B 246 -17.81 -33.09 3.13
N ARG B 247 -17.25 -34.09 3.80
CA ARG B 247 -16.85 -35.35 3.17
C ARG B 247 -18.04 -36.08 2.54
N GLY B 248 -19.23 -35.88 3.11
CA GLY B 248 -20.45 -36.53 2.64
C GLY B 248 -20.72 -36.48 1.15
N GLU B 249 -20.47 -35.33 0.51
CA GLU B 249 -20.85 -35.12 -0.89
C GLU B 249 -19.79 -35.56 -1.92
N PHE B 250 -18.53 -35.68 -1.48
CA PHE B 250 -17.40 -35.88 -2.40
C PHE B 250 -17.56 -37.02 -3.40
N ALA B 251 -18.09 -38.16 -2.95
CA ALA B 251 -18.21 -39.36 -3.80
C ALA B 251 -19.07 -39.12 -5.04
N GLU B 252 -19.96 -38.12 -4.97
CA GLU B 252 -20.91 -37.83 -6.03
C GLU B 252 -20.31 -36.87 -7.07
N VAL B 253 -19.23 -36.18 -6.69
CA VAL B 253 -18.60 -35.19 -7.55
C VAL B 253 -18.01 -35.84 -8.82
N ASP B 254 -18.34 -35.28 -9.99
CA ASP B 254 -17.79 -35.76 -11.26
C ASP B 254 -17.00 -34.71 -12.10
N LEU B 255 -16.90 -33.47 -11.63
CA LEU B 255 -16.02 -32.45 -12.25
C LEU B 255 -15.34 -31.70 -11.12
N LEU B 256 -14.01 -31.62 -11.19
CA LEU B 256 -13.25 -30.91 -10.19
C LEU B 256 -12.69 -29.69 -10.91
N THR B 257 -12.69 -28.55 -10.21
CA THR B 257 -12.05 -27.34 -10.73
C THR B 257 -11.25 -26.68 -9.62
N CYS B 258 -10.22 -25.99 -10.04
CA CYS B 258 -9.36 -25.38 -9.09
C CYS B 258 -8.59 -24.34 -9.87
N PHE B 259 -8.96 -23.08 -9.61
CA PHE B 259 -8.42 -21.91 -10.24
C PHE B 259 -7.77 -20.96 -9.24
N MSE B 260 -6.55 -20.56 -9.53
CA MSE B 260 -5.75 -19.60 -8.79
C MSE B 260 -5.32 -20.02 -7.40
O MSE B 260 -4.97 -19.18 -6.57
CB MSE B 260 -6.46 -18.23 -8.81
CG MSE B 260 -6.71 -17.78 -10.25
SE MSE B 260 -7.37 -15.91 -10.22
CE MSE B 260 -9.19 -16.47 -10.70
N MSE B 261 -5.27 -21.33 -7.14
CA MSE B 261 -4.73 -21.80 -5.86
C MSE B 261 -3.88 -23.06 -5.89
O MSE B 261 -3.48 -23.56 -4.83
CB MSE B 261 -5.89 -21.96 -4.87
CG MSE B 261 -6.77 -23.19 -5.08
SE MSE B 261 -7.34 -23.98 -3.34
CE MSE B 261 -5.62 -24.41 -2.45
N GLY B 262 -3.58 -23.59 -7.07
CA GLY B 262 -2.77 -24.80 -7.20
C GLY B 262 -1.40 -24.64 -6.57
N HIS B 263 -0.85 -23.43 -6.66
CA HIS B 263 0.46 -23.16 -6.06
C HIS B 263 0.48 -23.44 -4.56
N ASP B 264 -0.68 -23.28 -3.92
CA ASP B 264 -0.81 -23.50 -2.49
C ASP B 264 -0.56 -24.97 -2.12
N PHE B 265 -0.70 -25.89 -3.09
CA PHE B 265 -0.43 -27.31 -2.87
C PHE B 265 1.03 -27.64 -2.67
N TRP B 266 1.91 -26.75 -3.11
CA TRP B 266 3.33 -26.99 -3.08
C TRP B 266 3.91 -26.69 -1.69
N PRO B 267 5.19 -27.04 -1.45
CA PRO B 267 6.22 -27.67 -2.31
C PRO B 267 5.85 -29.03 -2.95
N ARG B 268 6.78 -29.58 -3.72
CA ARG B 268 6.48 -30.71 -4.60
C ARG B 268 5.91 -31.92 -3.87
N GLU B 269 6.52 -32.30 -2.75
CA GLU B 269 6.05 -33.49 -1.99
C GLU B 269 4.61 -33.32 -1.58
N ASN B 270 4.29 -32.11 -1.11
CA ASN B 270 2.96 -31.82 -0.63
C ASN B 270 1.93 -31.85 -1.76
N CYS B 271 2.32 -31.27 -2.89
CA CYS B 271 1.51 -31.29 -4.08
C CYS B 271 1.24 -32.71 -4.58
N VAL B 272 2.28 -33.50 -4.75
CA VAL B 272 2.09 -34.93 -5.11
C VAL B 272 1.09 -35.59 -4.17
N GLN B 273 1.24 -35.38 -2.87
CA GLN B 273 0.33 -36.04 -1.92
C GLN B 273 -1.09 -35.50 -2.01
N THR B 274 -1.22 -34.18 -2.13
CA THR B 274 -2.56 -33.59 -2.27
C THR B 274 -3.27 -34.10 -3.52
N LEU B 275 -2.56 -34.12 -4.63
CA LEU B 275 -3.15 -34.57 -5.88
C LEU B 275 -3.65 -36.02 -5.79
N ARG B 276 -2.87 -36.86 -5.10
CA ARG B 276 -3.22 -38.28 -4.96
C ARG B 276 -4.47 -38.37 -4.11
N LYS B 277 -4.50 -37.59 -3.03
CA LYS B 277 -5.68 -37.48 -2.15
C LYS B 277 -6.92 -36.99 -2.88
N LEU B 278 -6.76 -35.95 -3.69
CA LEU B 278 -7.85 -35.50 -4.56
C LEU B 278 -8.40 -36.65 -5.40
N ARG B 279 -7.51 -37.35 -6.10
CA ARG B 279 -7.85 -38.56 -6.87
C ARG B 279 -8.74 -39.51 -6.08
N ALA B 280 -8.37 -39.78 -4.84
CA ALA B 280 -9.08 -40.77 -4.03
C ALA B 280 -10.27 -40.13 -3.32
N ALA B 281 -10.11 -38.90 -2.85
CA ALA B 281 -11.22 -38.16 -2.25
C ALA B 281 -12.37 -37.99 -3.22
N PHE B 282 -12.08 -37.85 -4.50
CA PHE B 282 -13.11 -37.64 -5.54
C PHE B 282 -13.05 -38.75 -6.60
N PRO B 283 -13.45 -39.99 -6.22
CA PRO B 283 -13.35 -41.16 -7.12
C PRO B 283 -14.09 -41.06 -8.45
N ASN B 284 -15.19 -40.31 -8.46
CA ASN B 284 -16.03 -40.16 -9.66
C ASN B 284 -15.65 -38.97 -10.57
N VAL B 285 -14.61 -38.23 -10.23
CA VAL B 285 -14.18 -37.13 -11.09
C VAL B 285 -13.69 -37.71 -12.41
N ARG B 286 -14.18 -37.15 -13.50
CA ARG B 286 -13.66 -37.50 -14.80
C ARG B 286 -12.60 -36.48 -15.23
N ARG B 287 -12.99 -35.22 -15.33
CA ARG B 287 -12.07 -34.17 -15.74
C ARG B 287 -11.84 -33.29 -14.55
N PHE B 288 -10.59 -32.84 -14.45
CA PHE B 288 -10.12 -31.95 -13.40
C PHE B 288 -9.41 -30.83 -14.17
N LEU B 289 -9.99 -29.64 -14.13
CA LEU B 289 -9.50 -28.47 -14.85
C LEU B 289 -8.81 -27.62 -13.85
N LEU B 290 -7.52 -27.39 -14.07
CA LEU B 290 -6.67 -26.75 -13.10
C LEU B 290 -6.07 -25.54 -13.77
N GLY B 291 -6.39 -24.36 -13.24
CA GLY B 291 -5.87 -23.10 -13.75
C GLY B 291 -5.10 -22.31 -12.71
N ASP B 292 -3.96 -21.75 -13.11
CA ASP B 292 -3.14 -21.01 -12.17
C ASP B 292 -2.09 -20.18 -12.85
N ALA B 293 -1.60 -19.19 -12.14
CA ALA B 293 -0.37 -18.50 -12.56
C ALA B 293 0.84 -19.28 -12.05
N THR B 294 1.95 -19.18 -12.77
CA THR B 294 3.16 -19.90 -12.40
C THR B 294 4.36 -18.96 -12.28
N ARG B 295 5.43 -19.44 -11.65
CA ARG B 295 6.68 -18.66 -11.53
C ARG B 295 7.44 -18.59 -12.83
N THR B 296 7.86 -17.38 -13.18
CA THR B 296 8.58 -17.18 -14.41
C THR B 296 10.07 -17.36 -14.16
N VAL B 297 10.83 -17.53 -15.22
CA VAL B 297 12.29 -17.58 -15.08
C VAL B 297 12.92 -16.75 -16.19
N GLY B 298 13.93 -15.95 -15.83
CA GLY B 298 14.73 -15.24 -16.82
C GLY B 298 14.20 -13.92 -17.37
N ILE B 299 13.08 -13.40 -16.87
CA ILE B 299 12.60 -12.15 -17.42
C ILE B 299 13.52 -11.08 -16.85
N PRO B 300 14.03 -10.17 -17.70
CA PRO B 300 14.88 -9.08 -17.18
C PRO B 300 14.10 -8.10 -16.31
N ASP B 301 14.72 -7.65 -15.22
CA ASP B 301 14.06 -6.84 -14.20
C ASP B 301 13.32 -5.61 -14.75
N ARG B 302 13.88 -4.98 -15.78
CA ARG B 302 13.27 -3.81 -16.42
C ARG B 302 12.25 -4.16 -17.52
N GLU B 303 12.05 -5.44 -17.78
CA GLU B 303 11.05 -5.88 -18.75
C GLU B 303 9.96 -6.77 -18.12
N LEU B 304 9.77 -6.68 -16.81
CA LEU B 304 8.71 -7.42 -16.15
C LEU B 304 7.32 -6.92 -16.60
N PRO B 305 6.46 -7.84 -17.08
CA PRO B 305 5.12 -7.38 -17.42
C PRO B 305 4.29 -7.17 -16.17
N VAL B 306 3.10 -6.63 -16.37
CA VAL B 306 2.20 -6.42 -15.25
C VAL B 306 1.99 -7.75 -14.50
N PHE B 307 1.83 -7.64 -13.18
CA PHE B 307 1.42 -8.74 -12.28
C PHE B 307 2.53 -9.64 -11.80
N THR B 308 3.39 -10.08 -12.71
CA THR B 308 4.45 -11.06 -12.42
C THR B 308 5.20 -10.78 -11.10
N LEU B 309 5.73 -9.57 -10.97
CA LEU B 309 6.50 -9.23 -9.77
C LEU B 309 5.68 -9.31 -8.50
N GLY B 310 4.43 -8.83 -8.55
CA GLY B 310 3.56 -8.85 -7.38
C GLY B 310 3.21 -10.26 -6.99
N PHE B 311 2.91 -11.07 -8.00
CA PHE B 311 2.55 -12.45 -7.76
C PHE B 311 3.74 -13.16 -7.10
N GLU B 312 4.92 -13.05 -7.68
CA GLU B 312 6.06 -13.80 -7.17
C GLU B 312 6.58 -13.26 -5.84
N PHE B 313 6.81 -11.95 -5.77
CA PHE B 313 7.26 -11.30 -4.55
C PHE B 313 6.27 -11.52 -3.39
N GLY B 314 4.98 -11.37 -3.69
CA GLY B 314 3.96 -11.61 -2.70
C GLY B 314 4.05 -12.98 -2.08
N HIS B 315 4.10 -13.99 -2.93
CA HIS B 315 4.11 -15.34 -2.43
C HIS B 315 5.43 -15.68 -1.74
N ASP B 316 6.53 -15.12 -2.23
CA ASP B 316 7.81 -15.29 -1.52
C ASP B 316 7.75 -14.64 -0.12
N MSE B 317 7.13 -13.47 -0.03
CA MSE B 317 6.90 -12.85 1.28
C MSE B 317 6.06 -13.71 2.18
O MSE B 317 6.28 -13.73 3.41
CB MSE B 317 6.26 -11.46 1.13
CG MSE B 317 7.25 -10.43 0.64
SE MSE B 317 6.36 -8.67 0.61
CE MSE B 317 6.06 -8.59 2.54
N MSE B 318 5.05 -14.39 1.62
CA MSE B 318 4.18 -15.23 2.44
C MSE B 318 4.80 -16.61 2.77
O MSE B 318 4.29 -17.33 3.61
CB MSE B 318 2.81 -15.38 1.76
CG MSE B 318 2.03 -14.07 1.68
SE MSE B 318 0.28 -14.29 0.78
CE MSE B 318 0.87 -14.26 -1.08
N GLY B 319 5.87 -17.02 2.12
CA GLY B 319 6.43 -18.34 2.34
C GLY B 319 5.71 -19.44 1.57
N VAL B 320 5.08 -19.07 0.46
CA VAL B 320 4.31 -20.01 -0.36
C VAL B 320 5.12 -20.30 -1.61
N TYR B 321 5.38 -21.59 -1.83
CA TYR B 321 6.12 -22.08 -2.97
C TYR B 321 5.40 -21.74 -4.27
N LEU B 322 6.12 -21.24 -5.27
CA LEU B 322 5.51 -21.01 -6.58
C LEU B 322 6.19 -21.85 -7.63
N PRO B 323 5.51 -22.89 -8.14
CA PRO B 323 6.12 -23.70 -9.19
C PRO B 323 6.18 -23.04 -10.54
N THR B 324 7.14 -23.46 -11.34
CA THR B 324 7.14 -23.10 -12.74
C THR B 324 6.20 -24.04 -13.50
N LEU B 325 5.99 -23.69 -14.75
CA LEU B 325 5.15 -24.49 -15.60
C LEU B 325 5.72 -25.93 -15.69
N ASP B 326 7.04 -26.06 -15.81
CA ASP B 326 7.69 -27.37 -15.90
C ASP B 326 7.52 -28.19 -14.64
N GLU B 327 7.64 -27.54 -13.49
CA GLU B 327 7.44 -28.21 -12.23
C GLU B 327 6.06 -28.89 -12.16
N TRP B 328 5.01 -28.19 -12.61
CA TRP B 328 3.68 -28.79 -12.69
C TRP B 328 3.67 -29.99 -13.65
N ASP B 329 4.19 -29.80 -14.86
CA ASP B 329 4.20 -30.87 -15.86
C ASP B 329 4.80 -32.14 -15.27
N GLY B 330 5.85 -32.01 -14.46
CA GLY B 330 6.52 -33.16 -13.88
C GLY B 330 5.90 -33.76 -12.63
N VAL B 331 4.78 -33.19 -12.16
CA VAL B 331 4.16 -33.66 -10.93
C VAL B 331 2.92 -34.52 -11.12
N PHE B 332 2.27 -34.39 -12.28
CA PHE B 332 0.91 -34.94 -12.44
C PHE B 332 0.81 -36.50 -12.38
N GLU B 333 1.71 -37.17 -13.09
CA GLU B 333 1.73 -38.62 -13.07
C GLU B 333 1.93 -39.19 -11.66
N GLU B 334 2.90 -38.66 -10.93
CA GLU B 334 3.11 -39.14 -9.57
C GLU B 334 1.89 -38.87 -8.68
N GLY B 335 1.17 -37.79 -8.98
CA GLY B 335 -0.03 -37.42 -8.24
C GLY B 335 -1.28 -38.20 -8.58
N GLY B 336 -1.18 -39.07 -9.58
CA GLY B 336 -2.28 -39.92 -10.00
C GLY B 336 -3.09 -39.41 -11.17
N TRP B 337 -2.55 -38.46 -11.95
CA TRP B 337 -3.33 -37.81 -13.00
C TRP B 337 -2.57 -37.78 -14.31
N ARG B 338 -3.32 -37.76 -15.40
CA ARG B 338 -2.73 -37.60 -16.73
C ARG B 338 -3.16 -36.23 -17.31
N CYS B 339 -2.19 -35.42 -17.72
CA CYS B 339 -2.48 -34.15 -18.41
C CYS B 339 -2.72 -34.38 -19.90
N VAL B 340 -3.93 -34.08 -20.37
CA VAL B 340 -4.27 -34.35 -21.75
C VAL B 340 -4.33 -33.08 -22.62
N LYS B 341 -4.38 -31.91 -22.00
CA LYS B 341 -4.46 -30.66 -22.76
C LYS B 341 -3.99 -29.49 -21.90
N LYS B 342 -3.22 -28.58 -22.51
CA LYS B 342 -2.73 -27.40 -21.81
C LYS B 342 -3.01 -26.12 -22.62
N HIS B 343 -3.51 -25.09 -21.96
CA HIS B 343 -3.90 -23.84 -22.61
C HIS B 343 -3.05 -22.69 -22.10
N ALA B 344 -2.53 -21.85 -22.98
CA ALA B 344 -1.78 -20.66 -22.54
C ALA B 344 -2.77 -19.55 -22.27
N ILE B 345 -2.47 -18.71 -21.29
CA ILE B 345 -3.32 -17.54 -21.00
C ILE B 345 -2.61 -16.29 -21.48
N ASP B 346 -3.38 -15.34 -22.01
CA ASP B 346 -2.85 -14.04 -22.43
C ASP B 346 -2.70 -13.01 -21.28
N SER B 347 -1.47 -12.60 -21.03
CA SER B 347 -1.16 -11.40 -20.27
C SER B 347 -1.41 -11.48 -18.77
N LEU B 348 -1.29 -12.67 -18.20
CA LEU B 348 -1.33 -12.84 -16.76
C LEU B 348 -0.06 -13.54 -16.30
N SER B 349 1.06 -12.83 -16.39
CA SER B 349 2.39 -13.43 -16.21
C SER B 349 2.45 -14.63 -17.13
N VAL B 350 2.94 -15.76 -16.62
CA VAL B 350 2.78 -17.05 -17.32
C VAL B 350 1.69 -17.85 -16.61
N SER B 351 0.50 -17.84 -17.18
CA SER B 351 -0.65 -18.52 -16.59
C SER B 351 -1.12 -19.59 -17.54
N VAL B 352 -1.77 -20.61 -16.99
CA VAL B 352 -2.15 -21.75 -17.78
C VAL B 352 -3.42 -22.43 -17.25
N VAL B 353 -4.07 -23.22 -18.11
CA VAL B 353 -5.13 -24.13 -17.67
C VAL B 353 -4.73 -25.55 -18.13
N PHE B 354 -4.71 -26.48 -17.20
CA PHE B 354 -4.43 -27.89 -17.52
C PHE B 354 -5.74 -28.62 -17.51
N GLU B 355 -5.89 -29.58 -18.43
CA GLU B 355 -7.00 -30.51 -18.46
C GLU B 355 -6.43 -31.86 -18.02
N LEU B 356 -6.89 -32.34 -16.87
CA LEU B 356 -6.38 -33.56 -16.26
C LEU B 356 -7.41 -34.69 -16.23
N GLU B 357 -6.92 -35.91 -16.26
CA GLU B 357 -7.74 -37.09 -16.43
C GLU B 357 -7.17 -38.26 -15.62
N SAH C . 7.02 16.61 15.36
CA SAH C . 7.57 15.25 15.10
CB SAH C . 6.52 14.35 14.46
CG SAH C . 5.77 15.02 13.32
SD SAH C . 4.50 13.99 12.68
C SAH C . 8.80 15.42 14.24
O SAH C . 9.51 14.44 13.92
OXT SAH C . 9.08 16.56 13.87
C5' SAH C . 3.03 14.76 13.31
C4' SAH C . 2.79 14.34 14.74
O4' SAH C . 1.83 15.22 15.32
C3' SAH C . 2.24 12.92 14.90
O3' SAH C . 2.98 12.23 15.90
C2' SAH C . 0.80 13.10 15.34
O2' SAH C . 0.37 12.08 16.21
C1' SAH C . 0.86 14.45 16.06
N9 SAH C . -0.44 15.14 16.11
C8 SAH C . -1.32 15.28 15.10
N7 SAH C . -2.42 16.00 15.49
C5 SAH C . -2.22 16.31 16.77
C6 SAH C . -2.98 17.07 17.77
N6 SAH C . -4.17 17.57 17.44
N1 SAH C . -2.44 17.20 19.01
C2 SAH C . -1.25 16.67 19.32
N3 SAH C . -0.50 15.97 18.45
C4 SAH C . -0.93 15.76 17.19
OAL 56D D . -0.50 13.77 8.70
CAI 56D D . 0.70 13.56 8.43
OAM 56D D . 1.15 12.40 8.47
CAH 56D D . 1.60 14.74 8.03
OAK 56D D . 1.14 15.89 7.95
CAG 56D D . 3.08 14.39 7.82
CAJ 56D D . 3.63 14.01 9.18
CAD 56D D . 3.93 15.37 7.29
CAC 56D D . 4.97 14.94 6.47
CAB 56D D . 5.86 15.86 5.93
CAA 56D D . 5.74 17.22 6.21
CAF 56D D . 4.71 17.64 7.05
CAE 56D D . 3.82 16.73 7.59
FE FE E . -0.85 15.80 8.69
C HF2 F . 5.37 36.07 6.55
O HF2 F . 6.15 35.92 5.61
CA HF2 F . 5.59 35.16 7.76
OA HF2 F . 4.34 35.09 8.44
CB HF2 F . 6.73 35.51 8.74
CG HF2 F . 7.46 36.82 8.44
CZ HF2 F . 8.85 39.20 7.90
CD1 HF2 F . 6.75 38.02 8.26
CD2 HF2 F . 8.85 36.83 8.36
CE1 HF2 F . 7.45 39.20 7.99
CE2 HF2 F . 9.55 38.00 8.08
OXT HF2 F . 4.41 36.89 6.50
CA CA G . -6.77 16.90 25.46
CA CA H . 22.01 24.70 29.09
CA CA I . -2.08 0.85 9.93
N SAH J . -11.10 -19.67 -7.54
CA SAH J . -11.69 -18.31 -7.36
CB SAH J . -10.89 -17.45 -6.36
CG SAH J . -9.41 -17.32 -6.73
SD SAH J . -8.42 -16.64 -5.42
C SAH J . -11.78 -17.68 -8.72
O SAH J . -11.60 -18.33 -9.78
OXT SAH J . -12.05 -16.48 -8.81
C5' SAH J . -7.78 -18.09 -4.64
C4' SAH J . -8.71 -18.58 -3.55
O4' SAH J . -8.14 -19.77 -3.00
C3' SAH J . -8.89 -17.60 -2.39
O3' SAH J . -10.28 -17.37 -2.16
C2' SAH J . -8.23 -18.30 -1.21
O2' SAH J . -8.82 -18.05 0.07
C1' SAH J . -8.35 -19.77 -1.57
N9 SAH J . -7.38 -20.65 -0.89
C8 SAH J . -6.06 -20.44 -0.70
N7 SAH J . -5.47 -21.50 -0.05
C5 SAH J . -6.43 -22.41 0.17
C6 SAH J . -6.49 -23.75 0.81
N6 SAH J . -5.37 -24.30 1.32
N1 SAH J . -7.69 -24.37 0.81
C2 SAH J . -8.80 -23.80 0.29
N3 SAH J . -8.81 -22.59 -0.29
C4 SAH J . -7.68 -21.85 -0.38
OAL 56D K . -3.80 -13.94 -3.86
CAI 56D K . -3.19 -14.98 -4.13
OAM 56D K . -2.59 -15.59 -3.22
CAH 56D K . -3.15 -15.54 -5.56
OAK 56D K . -2.52 -16.56 -5.80
CAG 56D K . -3.99 -14.78 -6.59
CAJ 56D K . -5.46 -14.95 -6.17
CAD 56D K . -3.86 -15.15 -7.97
CAC 56D K . -4.10 -14.17 -8.93
CAB 56D K . -4.02 -14.46 -10.29
CAA 56D K . -3.69 -15.72 -10.72
CAF 56D K . -3.44 -16.71 -9.78
CAE 56D K . -3.53 -16.43 -8.42
FE FE L . -1.72 -17.40 -4.02
C HF2 M . 2.46 -31.10 -19.87
O HF2 M . 3.08 -32.10 -19.44
CA HF2 M . 1.12 -30.76 -19.30
OA HF2 M . 1.27 -30.86 -17.87
CB HF2 M . -0.04 -31.64 -19.79
CG HF2 M . 0.07 -32.17 -21.22
CZ HF2 M . 0.20 -33.20 -23.81
CD1 HF2 M . 0.89 -33.26 -21.53
CD2 HF2 M . -0.70 -31.61 -22.23
CE1 HF2 M . 0.95 -33.78 -22.82
CE2 HF2 M . -0.63 -32.12 -23.52
OXT HF2 M . 2.93 -30.33 -20.74
CA CA N . 7.26 -28.84 -19.78
CA CA O . -19.12 15.60 -18.98
#